data_6UMR
#
_entry.id   6UMR
#
_cell.length_a   91.260
_cell.length_b   194.691
_cell.length_c   114.940
_cell.angle_alpha   90.000
_cell.angle_beta   90.000
_cell.angle_gamma   90.000
#
_symmetry.space_group_name_H-M   'C 2 2 21'
#
loop_
_entity.id
_entity.type
_entity.pdbx_description
1 polymer 'Damage-control phosphatase DUF89'
2 non-polymer 'MAGNESIUM ION'
3 water water
#
_entity_poly.entity_id   1
_entity_poly.type   'polypeptide(L)'
_entity_poly.pdbx_seq_one_letter_code
;MAVVPASLSGQDVGSFAYLTIKDRIPQILTKVIDTLHRHKSEFFEKHGEEGVEAEKKAISLLSKLRNELQTDKPFIPLVE
KFVDTDIWNQYLEYQQSLLNESDGKSRWFYSPWLLVECYMYRRIHEAIIQSPPIDYFDVFKESKEQNFYGSQESIIALCT
HLQQLIRTIEDLDENQLKDEFFKLLQISLWGNKCDLSLSGGESSSQNTNVLNSLEDLKPFILLNDMEHLWSLLSNCKKTR
EKASATRVYIVLDNSGFELVTDLILADFLLSSELATEVHFYGKTIPWFVSATTIHDFNWLIEQVKHSNHKWMSKCGADWE
EYIKMGKWVYHNHIFWTLPHEYCAMPQVAPDLYAELQKAHLILFKGDLNYRKLTGDRKWEFSVPFHQALNGFHPAPLCTI
RTLKAEIQVGLQPGQGEQLLASEPSWWTTGKYGIFQYDGPL
;
_entity_poly.pdbx_strand_id   A,B
#
loop_
_chem_comp.id
_chem_comp.type
_chem_comp.name
_chem_comp.formula
MG non-polymer 'MAGNESIUM ION' 'Mg 2'
#
# COMPACT_ATOMS: atom_id res chain seq x y z
N VAL A 3 -1.21 -11.43 -4.05
CA VAL A 3 0.23 -11.51 -4.21
C VAL A 3 0.61 -11.16 -5.65
N VAL A 4 1.79 -10.55 -5.81
CA VAL A 4 2.23 -9.97 -7.07
C VAL A 4 3.68 -10.37 -7.31
N PRO A 5 4.07 -10.75 -8.54
CA PRO A 5 5.46 -11.19 -8.74
C PRO A 5 6.46 -10.05 -8.75
N ALA A 6 7.73 -10.40 -8.87
CA ALA A 6 8.81 -9.42 -8.88
C ALA A 6 8.74 -8.54 -10.12
N SER A 7 9.31 -7.35 -10.01
CA SER A 7 9.36 -6.42 -11.12
C SER A 7 10.41 -6.85 -12.13
N LEU A 8 10.10 -6.69 -13.41
CA LEU A 8 11.14 -6.77 -14.43
C LEU A 8 12.22 -5.75 -14.10
N SER A 9 13.47 -6.14 -14.30
CA SER A 9 14.59 -5.29 -13.91
C SER A 9 15.84 -5.77 -14.63
N GLY A 10 16.92 -5.01 -14.45
CA GLY A 10 18.22 -5.36 -14.97
C GLY A 10 19.01 -6.30 -14.08
N GLN A 11 18.37 -6.91 -13.08
CA GLN A 11 19.07 -7.90 -12.26
C GLN A 11 19.34 -9.18 -13.04
N ASP A 12 18.37 -9.60 -13.85
CA ASP A 12 18.50 -10.77 -14.73
C ASP A 12 19.26 -10.32 -15.97
N VAL A 13 20.56 -10.63 -16.01
CA VAL A 13 21.41 -10.15 -17.10
C VAL A 13 21.03 -10.76 -18.44
N GLY A 14 20.14 -11.74 -18.45
CA GLY A 14 19.65 -12.30 -19.70
C GLY A 14 18.39 -11.66 -20.22
N SER A 15 17.83 -10.71 -19.46
CA SER A 15 16.54 -10.14 -19.78
C SER A 15 16.67 -8.97 -20.75
N PHE A 16 15.53 -8.64 -21.38
CA PHE A 16 15.44 -7.48 -22.24
C PHE A 16 15.61 -6.19 -21.44
N ALA A 17 15.06 -6.14 -20.23
CA ALA A 17 15.26 -4.96 -19.38
C ALA A 17 16.74 -4.68 -19.16
N TYR A 18 17.53 -5.74 -18.93
CA TYR A 18 18.96 -5.53 -18.80
C TYR A 18 19.54 -4.97 -20.09
N LEU A 19 19.36 -5.70 -21.19
CA LEU A 19 19.81 -5.23 -22.50
C LEU A 19 19.39 -3.80 -22.75
N THR A 20 18.17 -3.45 -22.37
CA THR A 20 17.69 -2.09 -22.62
C THR A 20 18.44 -1.08 -21.76
N ILE A 21 18.53 -1.32 -20.45
CA ILE A 21 19.24 -0.36 -19.60
C ILE A 21 20.71 -0.30 -19.95
N LYS A 22 21.30 -1.43 -20.37
CA LYS A 22 22.75 -1.47 -20.59
C LYS A 22 23.13 -0.71 -21.85
N ASP A 23 22.43 -0.95 -22.95
CA ASP A 23 22.83 -0.45 -24.26
C ASP A 23 21.92 0.63 -24.83
N ARG A 24 20.61 0.55 -24.60
CA ARG A 24 19.69 1.41 -25.33
C ARG A 24 19.44 2.75 -24.65
N ILE A 25 19.28 2.78 -23.33
CA ILE A 25 19.06 4.05 -22.64
C ILE A 25 20.26 4.99 -22.81
N PRO A 26 21.51 4.51 -22.79
CA PRO A 26 22.62 5.43 -23.08
C PRO A 26 22.55 6.03 -24.47
N GLN A 27 22.09 5.24 -25.45
CA GLN A 27 21.93 5.68 -26.87
C GLN A 27 20.89 6.82 -26.89
N ILE A 28 19.77 6.68 -26.19
CA ILE A 28 18.74 7.71 -26.15
C ILE A 28 19.33 9.01 -25.62
N LEU A 29 20.09 8.93 -24.54
CA LEU A 29 20.64 10.15 -23.93
C LEU A 29 21.68 10.79 -24.84
N THR A 30 22.49 9.99 -25.52
CA THR A 30 23.46 10.55 -26.46
C THR A 30 22.75 11.31 -27.58
N LYS A 31 21.70 10.71 -28.15
CA LYS A 31 20.95 11.41 -29.18
C LYS A 31 20.43 12.74 -28.66
N VAL A 32 19.89 12.74 -27.43
CA VAL A 32 19.35 13.97 -26.87
C VAL A 32 20.44 15.02 -26.76
N ILE A 33 21.62 14.63 -26.25
CA ILE A 33 22.73 15.58 -26.16
C ILE A 33 23.11 16.08 -27.54
N ASP A 34 23.15 15.18 -28.53
CA ASP A 34 23.40 15.59 -29.91
C ASP A 34 22.38 16.62 -30.35
N THR A 35 21.10 16.38 -30.04
CA THR A 35 20.04 17.30 -30.47
C THR A 35 20.29 18.70 -29.91
N LEU A 36 20.61 18.80 -28.62
CA LEU A 36 20.91 20.11 -28.05
C LEU A 36 22.14 20.72 -28.70
N HIS A 37 23.19 19.92 -28.92
CA HIS A 37 24.37 20.42 -29.60
C HIS A 37 23.99 21.02 -30.96
N ARG A 38 23.24 20.25 -31.77
CA ARG A 38 22.92 20.70 -33.12
C ARG A 38 22.02 21.94 -33.13
N HIS A 39 21.37 22.26 -32.02
CA HIS A 39 20.49 23.41 -31.95
C HIS A 39 21.18 24.68 -31.45
N LYS A 40 22.49 24.64 -31.27
CA LYS A 40 23.22 25.80 -30.73
C LYS A 40 22.87 27.07 -31.50
N SER A 41 23.03 27.04 -32.82
CA SER A 41 22.79 28.24 -33.63
C SER A 41 21.37 28.76 -33.44
N GLU A 42 20.39 27.86 -33.47
CA GLU A 42 19.00 28.28 -33.25
C GLU A 42 18.82 28.92 -31.89
N PHE A 43 19.42 28.33 -30.85
CA PHE A 43 19.28 28.88 -29.52
C PHE A 43 19.88 30.29 -29.44
N PHE A 44 20.97 30.52 -30.17
CA PHE A 44 21.60 31.84 -30.14
C PHE A 44 20.73 32.88 -30.82
N GLU A 45 20.23 32.57 -32.02
CA GLU A 45 19.43 33.54 -32.76
C GLU A 45 18.26 34.01 -31.93
N LYS A 46 17.65 33.08 -31.19
CA LYS A 46 16.40 33.29 -30.41
C LYS A 46 16.63 33.82 -29.01
N HIS A 47 17.77 33.54 -28.39
CA HIS A 47 18.04 33.98 -27.00
C HIS A 47 19.42 34.60 -26.79
N GLY A 48 20.26 34.75 -27.80
CA GLY A 48 21.57 35.33 -27.65
C GLY A 48 22.51 34.37 -26.95
N GLU A 49 23.59 34.94 -26.41
CA GLU A 49 24.62 34.13 -25.76
C GLU A 49 24.04 33.23 -24.68
N GLU A 50 22.93 33.67 -24.04
CA GLU A 50 22.45 32.94 -22.88
C GLU A 50 21.67 31.71 -23.24
N GLY A 51 21.11 31.67 -24.45
CA GLY A 51 20.63 30.40 -25.00
C GLY A 51 21.76 29.40 -25.15
N VAL A 52 22.94 29.86 -25.58
CA VAL A 52 24.07 28.97 -25.77
C VAL A 52 24.60 28.49 -24.42
N GLU A 53 24.67 29.38 -23.44
CA GLU A 53 25.12 28.98 -22.08
C GLU A 53 24.13 27.94 -21.52
N ALA A 54 22.84 28.15 -21.69
CA ALA A 54 21.79 27.25 -21.19
C ALA A 54 21.89 25.88 -21.89
N GLU A 55 22.13 25.87 -23.19
CA GLU A 55 22.37 24.66 -23.99
C GLU A 55 23.56 23.90 -23.39
N LYS A 56 24.65 24.58 -23.10
CA LYS A 56 25.80 23.89 -22.52
C LYS A 56 25.49 23.41 -21.11
N LYS A 57 24.77 24.22 -20.33
CA LYS A 57 24.38 23.79 -18.99
C LYS A 57 23.57 22.50 -19.04
N ALA A 58 22.56 22.46 -19.91
CA ALA A 58 21.72 21.28 -20.01
C ALA A 58 22.53 20.05 -20.43
N ILE A 59 23.44 20.23 -21.39
CA ILE A 59 24.24 19.11 -21.87
C ILE A 59 25.07 18.52 -20.76
N SER A 60 25.71 19.38 -19.96
CA SER A 60 26.49 18.90 -18.82
C SER A 60 25.64 18.04 -17.91
N LEU A 61 24.46 18.55 -17.52
CA LEU A 61 23.59 17.81 -16.63
C LEU A 61 23.18 16.47 -17.24
N LEU A 62 22.84 16.46 -18.53
CA LEU A 62 22.48 15.21 -19.18
C LEU A 62 23.70 14.28 -19.30
N SER A 63 24.90 14.85 -19.37
CA SER A 63 26.10 14.02 -19.38
C SER A 63 26.35 13.41 -18.00
N LYS A 64 26.10 14.18 -16.94
CA LYS A 64 26.13 13.63 -15.59
C LYS A 64 25.09 12.51 -15.44
N LEU A 65 23.89 12.73 -15.98
CA LEU A 65 22.85 11.72 -15.89
C LEU A 65 23.27 10.44 -16.61
N ARG A 66 23.89 10.58 -17.77
CA ARG A 66 24.35 9.39 -18.49
C ARG A 66 25.38 8.64 -17.66
N ASN A 67 26.33 9.34 -17.05
CA ASN A 67 27.38 8.65 -16.31
C ASN A 67 26.82 7.92 -15.09
N GLU A 68 25.81 8.47 -14.43
CA GLU A 68 25.14 7.74 -13.35
C GLU A 68 24.63 6.40 -13.86
N LEU A 69 23.90 6.42 -14.97
CA LEU A 69 23.40 5.19 -15.58
C LEU A 69 24.53 4.24 -15.91
N GLN A 70 25.55 4.71 -16.63
CA GLN A 70 26.62 3.82 -17.07
C GLN A 70 27.29 3.13 -15.89
N THR A 71 27.40 3.82 -14.76
CA THR A 71 28.15 3.30 -13.60
C THR A 71 27.23 2.86 -12.47
N ASP A 72 25.93 2.71 -12.73
CA ASP A 72 24.99 2.12 -11.78
C ASP A 72 24.97 2.87 -10.45
N LYS A 73 25.11 4.19 -10.52
CA LYS A 73 25.04 4.99 -9.32
C LYS A 73 23.62 4.95 -8.74
N PRO A 74 23.48 5.10 -7.42
CA PRO A 74 22.13 5.18 -6.84
C PRO A 74 21.39 6.41 -7.33
N PHE A 75 20.08 6.27 -7.43
CA PHE A 75 19.23 7.42 -7.77
C PHE A 75 19.40 8.51 -6.72
N ILE A 76 19.29 9.76 -7.17
CA ILE A 76 19.32 10.91 -6.27
C ILE A 76 17.95 11.59 -6.36
N PRO A 77 17.60 12.39 -5.36
CA PRO A 77 16.29 13.05 -5.39
C PRO A 77 16.20 14.10 -6.49
N LEU A 78 14.97 14.36 -6.92
CA LEU A 78 14.67 15.48 -7.80
C LEU A 78 14.70 16.78 -7.01
N VAL A 79 15.06 17.86 -7.69
CA VAL A 79 15.43 19.10 -7.01
C VAL A 79 14.67 20.30 -7.54
N GLU A 80 14.75 20.54 -8.84
CA GLU A 80 14.11 21.71 -9.43
C GLU A 80 12.61 21.70 -9.15
N LYS A 81 12.05 22.86 -8.79
CA LYS A 81 10.62 22.96 -8.47
C LYS A 81 9.84 22.65 -9.75
N PHE A 82 8.81 21.83 -9.68
CA PHE A 82 7.93 21.42 -10.76
C PHE A 82 6.73 20.79 -10.09
N VAL A 83 5.65 20.61 -10.86
CA VAL A 83 4.37 20.25 -10.24
C VAL A 83 4.43 18.87 -9.60
N ASP A 84 5.26 17.96 -10.11
CA ASP A 84 5.29 16.60 -9.61
C ASP A 84 6.60 16.26 -8.91
N THR A 85 7.41 17.26 -8.54
CA THR A 85 8.70 16.98 -7.94
C THR A 85 8.56 16.27 -6.60
N ASP A 86 7.64 16.74 -5.75
CA ASP A 86 7.47 16.14 -4.43
C ASP A 86 6.86 14.75 -4.51
N ILE A 87 5.86 14.58 -5.38
CA ILE A 87 5.27 13.27 -5.57
C ILE A 87 6.33 12.27 -6.03
N TRP A 88 7.23 12.71 -6.91
CA TRP A 88 8.31 11.86 -7.37
C TRP A 88 9.20 11.45 -6.20
N ASN A 89 9.59 12.41 -5.37
CA ASN A 89 10.51 12.12 -4.28
C ASN A 89 9.85 11.21 -3.24
N GLN A 90 8.55 11.39 -3.01
CA GLN A 90 7.83 10.46 -2.15
C GLN A 90 7.88 9.05 -2.70
N TYR A 91 7.72 8.90 -4.01
CA TYR A 91 7.75 7.57 -4.60
C TYR A 91 9.14 6.96 -4.49
N LEU A 92 10.18 7.76 -4.73
CA LEU A 92 11.54 7.26 -4.59
C LEU A 92 11.77 6.75 -3.17
N GLU A 93 11.41 7.55 -2.18
CA GLU A 93 11.51 7.12 -0.78
C GLU A 93 10.75 5.83 -0.56
N TYR A 94 9.50 5.76 -1.03
CA TYR A 94 8.72 4.54 -0.91
C TYR A 94 9.42 3.37 -1.58
N GLN A 95 10.01 3.59 -2.75
CA GLN A 95 10.68 2.51 -3.47
C GLN A 95 11.92 2.03 -2.72
N GLN A 96 12.65 2.95 -2.09
CA GLN A 96 13.77 2.53 -1.24
C GLN A 96 13.28 1.68 -0.09
N SER A 97 12.11 2.04 0.47
CA SER A 97 11.56 1.28 1.59
C SER A 97 11.28 -0.17 1.23
N LEU A 98 11.08 -0.46 -0.05
CA LEU A 98 10.82 -1.82 -0.49
C LEU A 98 12.08 -2.68 -0.52
N LEU A 99 13.25 -2.06 -0.47
CA LEU A 99 14.53 -2.78 -0.56
C LEU A 99 14.99 -3.15 0.84
N ASN A 100 15.42 -4.40 1.01
CA ASN A 100 15.96 -4.84 2.28
C ASN A 100 17.45 -4.48 2.36
N GLU A 101 18.06 -4.76 3.51
CA GLU A 101 19.47 -4.42 3.72
C GLU A 101 20.34 -4.95 2.60
N SER A 102 20.10 -6.20 2.17
CA SER A 102 20.92 -6.82 1.14
C SER A 102 20.72 -6.19 -0.22
N ASP A 103 19.60 -5.49 -0.44
CA ASP A 103 19.34 -4.88 -1.75
C ASP A 103 20.09 -3.57 -1.94
N GLY A 104 20.48 -2.90 -0.86
CA GLY A 104 21.21 -1.64 -0.98
C GLY A 104 20.28 -0.48 -1.34
N LYS A 105 20.75 0.42 -2.20
CA LYS A 105 20.00 1.61 -2.56
C LYS A 105 19.45 1.51 -3.98
N SER A 106 18.29 2.13 -4.20
CA SER A 106 17.69 2.19 -5.53
C SER A 106 18.71 2.64 -6.56
N ARG A 107 18.83 1.87 -7.64
CA ARG A 107 19.85 2.15 -8.63
C ARG A 107 19.46 1.55 -9.97
N TRP A 108 20.22 1.95 -10.99
CA TRP A 108 19.82 1.75 -12.37
C TRP A 108 19.63 0.28 -12.71
N PHE A 109 20.55 -0.57 -12.26
CA PHE A 109 20.54 -1.97 -12.65
C PHE A 109 19.89 -2.88 -11.61
N TYR A 110 19.37 -2.31 -10.52
CA TYR A 110 18.68 -3.11 -9.52
C TYR A 110 17.19 -2.82 -9.44
N SER A 111 16.80 -1.55 -9.54
CA SER A 111 15.42 -1.16 -9.27
C SER A 111 14.50 -1.60 -10.40
N PRO A 112 13.19 -1.53 -10.17
CA PRO A 112 12.23 -1.89 -11.22
C PRO A 112 12.49 -1.14 -12.53
N TRP A 113 12.50 -1.90 -13.63
CA TRP A 113 12.72 -1.35 -14.96
C TRP A 113 11.76 -0.20 -15.27
N LEU A 114 10.52 -0.28 -14.77
CA LEU A 114 9.56 0.81 -14.98
C LEU A 114 10.03 2.09 -14.29
N LEU A 115 10.47 1.96 -13.03
CA LEU A 115 11.01 3.13 -12.33
C LEU A 115 12.24 3.66 -13.05
N VAL A 116 13.13 2.75 -13.47
CA VAL A 116 14.39 3.15 -14.09
C VAL A 116 14.13 4.04 -15.29
N GLU A 117 13.22 3.63 -16.16
CA GLU A 117 13.00 4.37 -17.41
C GLU A 117 12.27 5.68 -17.17
N CYS A 118 11.25 5.67 -16.32
CA CYS A 118 10.49 6.89 -16.05
C CYS A 118 11.33 7.93 -15.29
N TYR A 119 12.15 7.44 -14.36
CA TYR A 119 13.10 8.33 -13.69
C TYR A 119 14.03 9.00 -14.69
N MET A 120 14.49 8.26 -15.70
CA MET A 120 15.45 8.79 -16.65
C MET A 120 14.84 9.94 -17.45
N TYR A 121 13.65 9.73 -18.01
CA TYR A 121 12.99 10.80 -18.76
C TYR A 121 12.65 11.98 -17.87
N ARG A 122 12.30 11.73 -16.60
CA ARG A 122 12.01 12.84 -15.70
C ARG A 122 13.29 13.59 -15.33
N ARG A 123 14.44 12.91 -15.32
CA ARG A 123 15.70 13.60 -15.13
C ARG A 123 16.06 14.43 -16.35
N ILE A 124 15.72 13.93 -17.55
CA ILE A 124 15.91 14.73 -18.75
C ILE A 124 15.12 16.03 -18.64
N HIS A 125 13.83 15.91 -18.28
CA HIS A 125 13.00 17.10 -18.18
C HIS A 125 13.54 18.07 -17.14
N GLU A 126 14.03 17.54 -16.02
CA GLU A 126 14.58 18.41 -14.99
C GLU A 126 15.77 19.21 -15.53
N ALA A 127 16.66 18.55 -16.27
CA ALA A 127 17.80 19.25 -16.84
C ALA A 127 17.35 20.42 -17.71
N ILE A 128 16.27 20.23 -18.46
CA ILE A 128 15.81 21.29 -19.37
C ILE A 128 15.21 22.45 -18.57
N ILE A 129 14.31 22.15 -17.64
CA ILE A 129 13.68 23.23 -16.88
C ILE A 129 14.66 23.89 -15.94
N GLN A 130 15.78 23.23 -15.64
CA GLN A 130 16.86 23.88 -14.91
C GLN A 130 17.62 24.88 -15.78
N SER A 131 17.32 24.95 -17.06
CA SER A 131 18.19 25.64 -18.00
C SER A 131 17.46 26.73 -18.77
N PRO A 132 16.84 27.68 -18.09
CA PRO A 132 16.31 28.85 -18.79
C PRO A 132 17.43 29.58 -19.49
N PRO A 133 17.18 30.18 -20.68
CA PRO A 133 15.84 30.34 -21.26
C PRO A 133 15.38 29.28 -22.26
N ILE A 134 15.98 28.09 -22.26
CA ILE A 134 15.51 27.02 -23.11
C ILE A 134 14.66 26.01 -22.31
N ASP A 135 14.12 26.42 -21.16
CA ASP A 135 13.35 25.54 -20.31
C ASP A 135 12.01 25.13 -20.94
N TYR A 136 11.71 25.61 -22.13
CA TYR A 136 10.55 25.17 -22.89
C TYR A 136 10.84 24.01 -23.83
N PHE A 137 12.12 23.74 -24.08
CA PHE A 137 12.52 22.90 -25.21
C PHE A 137 11.96 21.49 -25.06
N ASP A 138 11.54 20.92 -26.20
CA ASP A 138 11.13 19.52 -26.31
C ASP A 138 12.24 18.83 -27.09
N VAL A 139 13.13 18.12 -26.39
CA VAL A 139 14.28 17.52 -27.04
C VAL A 139 13.89 16.49 -28.08
N PHE A 140 12.67 15.97 -28.05
CA PHE A 140 12.10 14.93 -28.95
C PHE A 140 11.22 15.53 -30.09
N LYS A 141 10.93 16.82 -30.07
CA LYS A 141 10.01 17.47 -31.03
C LYS A 141 10.53 17.29 -32.46
N GLU A 142 11.81 17.52 -32.72
CA GLU A 142 12.36 17.32 -34.05
C GLU A 142 12.04 15.90 -34.55
N SER A 143 12.27 14.91 -33.70
CA SER A 143 11.97 13.53 -34.05
C SER A 143 10.48 13.33 -34.32
N LYS A 144 9.63 13.90 -33.46
CA LYS A 144 8.20 13.68 -33.61
C LYS A 144 7.65 14.37 -34.86
N GLU A 145 8.18 15.51 -35.23
CA GLU A 145 7.73 16.24 -36.44
C GLU A 145 8.20 15.47 -37.68
N GLN A 146 9.38 14.87 -37.64
CA GLN A 146 9.98 14.07 -38.73
C GLN A 146 9.02 12.94 -39.07
N ASN A 147 8.54 12.22 -38.06
CA ASN A 147 7.62 11.09 -38.27
C ASN A 147 6.38 11.55 -39.03
N PHE A 148 5.84 12.72 -38.67
CA PHE A 148 4.67 13.23 -39.39
C PHE A 148 5.00 13.50 -40.85
N TYR A 149 6.14 14.14 -41.11
CA TYR A 149 6.49 14.48 -42.48
C TYR A 149 6.80 13.24 -43.31
N GLY A 150 7.31 12.18 -42.67
CA GLY A 150 7.67 10.97 -43.38
C GLY A 150 6.51 10.05 -43.72
N SER A 151 5.30 10.34 -43.21
CA SER A 151 4.16 9.46 -43.41
C SER A 151 3.02 10.15 -44.16
N GLN A 152 3.36 11.14 -44.99
CA GLN A 152 2.31 11.92 -45.65
C GLN A 152 1.41 11.03 -46.50
N GLU A 153 1.99 10.04 -47.20
CA GLU A 153 1.21 9.18 -48.07
C GLU A 153 0.20 8.36 -47.28
N SER A 154 0.66 7.75 -46.18
CA SER A 154 -0.24 6.96 -45.34
C SER A 154 -1.27 7.85 -44.67
N ILE A 155 -0.87 9.04 -44.23
CA ILE A 155 -1.84 9.98 -43.67
C ILE A 155 -2.86 10.36 -44.74
N ILE A 156 -2.39 10.65 -45.95
CA ILE A 156 -3.31 10.96 -47.05
C ILE A 156 -4.21 9.77 -47.33
N ALA A 157 -3.64 8.57 -47.40
CA ALA A 157 -4.43 7.38 -47.69
C ALA A 157 -5.47 7.13 -46.61
N LEU A 158 -5.09 7.25 -45.35
CA LEU A 158 -6.04 6.99 -44.26
C LEU A 158 -7.11 8.08 -44.21
N CYS A 159 -6.71 9.35 -44.32
CA CYS A 159 -7.70 10.42 -44.34
C CYS A 159 -8.64 10.26 -45.54
N THR A 160 -8.10 9.87 -46.69
CA THR A 160 -8.95 9.67 -47.87
C THR A 160 -9.93 8.53 -47.62
N HIS A 161 -9.44 7.40 -47.15
CA HIS A 161 -10.31 6.28 -46.83
C HIS A 161 -11.43 6.68 -45.88
N LEU A 162 -11.08 7.42 -44.82
CA LEU A 162 -12.11 7.79 -43.84
C LEU A 162 -13.20 8.63 -44.49
N GLN A 163 -12.82 9.63 -45.29
CA GLN A 163 -13.82 10.53 -45.86
C GLN A 163 -14.70 9.83 -46.88
N GLN A 164 -14.12 8.94 -47.69
CA GLN A 164 -14.93 8.10 -48.57
C GLN A 164 -15.96 7.35 -47.75
N LEU A 165 -15.54 6.77 -46.63
CA LEU A 165 -16.46 6.01 -45.79
C LEU A 165 -17.56 6.91 -45.23
N ILE A 166 -17.21 8.12 -44.79
CA ILE A 166 -18.18 8.99 -44.14
C ILE A 166 -19.36 9.27 -45.07
N ARG A 167 -19.08 9.43 -46.36
CA ARG A 167 -20.14 9.73 -47.31
C ARG A 167 -21.25 8.70 -47.24
N THR A 168 -20.88 7.43 -47.14
CA THR A 168 -21.80 6.30 -47.26
C THR A 168 -22.33 5.82 -45.92
N ILE A 169 -21.70 6.21 -44.83
CA ILE A 169 -21.86 5.61 -43.49
C ILE A 169 -23.31 5.34 -43.08
N GLU A 170 -24.25 6.19 -43.49
CA GLU A 170 -25.69 6.10 -43.18
C GLU A 170 -26.30 4.81 -43.71
N ASP A 171 -25.86 4.34 -44.87
CA ASP A 171 -26.31 3.17 -45.66
C ASP A 171 -25.66 1.87 -45.18
N LEU A 172 -24.79 1.87 -44.18
CA LEU A 172 -24.16 0.60 -43.77
C LEU A 172 -25.05 -0.28 -42.86
N ASP A 173 -25.10 -1.60 -43.13
CA ASP A 173 -25.67 -2.75 -42.35
C ASP A 173 -24.79 -2.84 -41.09
N GLU A 174 -25.34 -3.27 -39.96
CA GLU A 174 -24.58 -3.31 -38.70
C GLU A 174 -23.33 -4.20 -38.84
N ASN A 175 -23.34 -5.29 -39.60
CA ASN A 175 -22.13 -6.14 -39.83
C ASN A 175 -21.10 -5.40 -40.70
N GLN A 176 -21.55 -4.55 -41.62
CA GLN A 176 -20.68 -3.71 -42.50
C GLN A 176 -19.95 -2.69 -41.62
N LEU A 177 -20.65 -2.06 -40.70
CA LEU A 177 -20.14 -1.10 -39.73
C LEU A 177 -19.13 -1.81 -38.83
N LYS A 178 -19.46 -3.01 -38.38
CA LYS A 178 -18.55 -3.77 -37.51
C LYS A 178 -17.25 -4.05 -38.26
N ASP A 179 -17.33 -4.42 -39.53
CA ASP A 179 -16.12 -4.73 -40.34
C ASP A 179 -15.26 -3.47 -40.50
N GLU A 180 -15.87 -2.30 -40.67
CA GLU A 180 -15.13 -1.01 -40.75
C GLU A 180 -14.43 -0.71 -39.42
N PHE A 181 -15.14 -0.93 -38.34
CA PHE A 181 -14.65 -0.72 -36.95
C PHE A 181 -13.43 -1.63 -36.70
N PHE A 182 -13.47 -2.91 -37.05
CA PHE A 182 -12.38 -3.87 -36.86
C PHE A 182 -11.17 -3.44 -37.69
N LYS A 183 -11.44 -2.96 -38.90
CA LYS A 183 -10.41 -2.49 -39.84
C LYS A 183 -9.65 -1.30 -39.21
N LEU A 184 -10.35 -0.33 -38.65
CA LEU A 184 -9.75 0.87 -38.01
C LEU A 184 -9.02 0.50 -36.72
N LEU A 185 -9.52 -0.46 -35.95
CA LEU A 185 -8.88 -0.97 -34.73
C LEU A 185 -7.54 -1.59 -35.11
N GLN A 186 -7.49 -2.33 -36.19
CA GLN A 186 -6.29 -2.99 -36.76
C GLN A 186 -5.30 -1.93 -37.23
N ILE A 187 -5.75 -0.87 -37.87
CA ILE A 187 -4.87 0.23 -38.31
C ILE A 187 -4.34 0.94 -37.06
N SER A 188 -5.15 1.10 -36.03
CA SER A 188 -4.77 1.72 -34.74
C SER A 188 -3.69 0.87 -34.08
N LEU A 189 -3.80 -0.45 -34.14
CA LEU A 189 -2.81 -1.38 -33.56
C LEU A 189 -1.48 -1.36 -34.33
N TRP A 190 -1.50 -1.62 -35.62
CA TRP A 190 -0.27 -1.78 -36.43
C TRP A 190 0.41 -0.47 -36.82
N GLY A 191 -0.35 0.56 -37.12
CA GLY A 191 0.16 1.83 -37.65
C GLY A 191 0.49 1.64 -39.12
N SER A 213 -3.30 -6.60 -46.80
CA SER A 213 -2.23 -6.14 -45.87
C SER A 213 -2.64 -6.43 -44.42
N LEU A 214 -3.87 -6.09 -44.03
CA LEU A 214 -4.34 -6.42 -42.67
C LEU A 214 -4.46 -7.93 -42.54
N GLU A 215 -4.90 -8.61 -43.62
CA GLU A 215 -5.03 -10.08 -43.70
C GLU A 215 -3.63 -10.69 -43.48
N ASP A 216 -2.56 -10.10 -44.02
CA ASP A 216 -1.16 -10.60 -43.87
C ASP A 216 -0.64 -10.35 -42.45
N LEU A 217 -1.13 -9.33 -41.74
CA LEU A 217 -0.75 -9.04 -40.34
C LEU A 217 -1.65 -9.79 -39.35
N LYS A 218 -2.77 -10.34 -39.79
CA LYS A 218 -3.76 -11.03 -38.92
C LYS A 218 -3.12 -12.21 -38.18
N PRO A 219 -2.18 -13.00 -38.75
CA PRO A 219 -1.53 -14.07 -38.03
C PRO A 219 -0.70 -13.66 -36.81
N PHE A 220 -0.27 -12.41 -36.69
CA PHE A 220 0.49 -11.82 -35.58
C PHE A 220 -0.42 -11.19 -34.51
N ILE A 221 -1.73 -11.32 -34.58
CA ILE A 221 -2.68 -10.89 -33.49
C ILE A 221 -2.84 -12.09 -32.57
N LEU A 222 -2.08 -12.21 -31.50
CA LEU A 222 -2.19 -13.43 -30.68
C LEU A 222 -3.32 -13.40 -29.67
N LEU A 223 -3.93 -12.28 -29.39
CA LEU A 223 -5.09 -12.18 -28.47
C LEU A 223 -6.03 -11.20 -29.15
N ASN A 224 -7.28 -11.54 -29.41
CA ASN A 224 -8.22 -10.70 -30.19
C ASN A 224 -9.60 -10.68 -29.49
N ASP A 225 -9.88 -9.62 -28.74
CA ASP A 225 -11.15 -9.36 -28.04
C ASP A 225 -11.93 -8.24 -28.75
N MET A 226 -11.73 -8.01 -30.04
CA MET A 226 -12.40 -6.97 -30.85
C MET A 226 -13.94 -7.20 -30.80
N GLU A 227 -14.40 -8.45 -30.79
CA GLU A 227 -15.84 -8.78 -30.69
C GLU A 227 -16.43 -8.18 -29.42
N HIS A 228 -15.73 -8.23 -28.30
CA HIS A 228 -16.19 -7.66 -27.02
C HIS A 228 -16.34 -6.14 -27.17
N LEU A 229 -15.43 -5.49 -27.88
CA LEU A 229 -15.47 -4.03 -28.10
C LEU A 229 -16.74 -3.69 -28.87
N TRP A 230 -17.03 -4.47 -29.91
CA TRP A 230 -18.22 -4.31 -30.77
C TRP A 230 -19.49 -4.53 -29.95
N SER A 231 -19.58 -5.63 -29.20
CA SER A 231 -20.77 -5.93 -28.41
C SER A 231 -21.06 -4.81 -27.43
N LEU A 232 -20.05 -4.40 -26.67
CA LEU A 232 -20.24 -3.32 -25.70
C LEU A 232 -20.74 -2.05 -26.38
N LEU A 233 -20.06 -1.61 -27.44
CA LEU A 233 -20.38 -0.31 -28.02
C LEU A 233 -21.69 -0.33 -28.79
N SER A 234 -21.93 -1.40 -29.56
CA SER A 234 -23.18 -1.46 -30.33
C SER A 234 -24.39 -1.58 -29.42
N ASN A 235 -24.23 -2.15 -28.23
CA ASN A 235 -25.35 -2.19 -27.30
C ASN A 235 -25.60 -0.84 -26.66
N CYS A 236 -24.54 -0.12 -26.30
CA CYS A 236 -24.72 1.26 -25.87
C CYS A 236 -25.46 2.05 -26.93
N LYS A 237 -25.13 1.82 -28.21
CA LYS A 237 -25.75 2.56 -29.29
C LYS A 237 -27.22 2.20 -29.44
N LYS A 238 -27.53 0.90 -29.46
CA LYS A 238 -28.92 0.49 -29.64
C LYS A 238 -29.80 0.96 -28.50
N THR A 239 -29.26 0.95 -27.28
CA THR A 239 -30.03 1.27 -26.09
C THR A 239 -29.81 2.71 -25.61
N ARG A 240 -29.25 3.59 -26.43
CA ARG A 240 -28.94 4.99 -26.08
C ARG A 240 -30.20 5.83 -26.18
N GLU A 241 -30.85 6.17 -25.08
CA GLU A 241 -32.04 7.04 -25.21
C GLU A 241 -31.49 8.47 -25.27
N LYS A 242 -32.11 9.34 -26.07
CA LYS A 242 -31.71 10.72 -26.40
C LYS A 242 -31.24 11.56 -25.19
N ALA A 243 -30.23 12.42 -25.43
CA ALA A 243 -29.47 13.28 -24.50
C ALA A 243 -28.58 12.45 -23.56
N SER A 244 -28.31 11.19 -23.80
CA SER A 244 -27.40 10.42 -22.96
C SER A 244 -26.18 10.05 -23.80
N ALA A 245 -25.04 9.89 -23.14
CA ALA A 245 -23.75 9.86 -23.80
C ALA A 245 -23.11 8.48 -23.74
N THR A 246 -22.39 8.15 -24.81
CA THR A 246 -21.45 7.03 -24.80
C THR A 246 -20.05 7.63 -24.89
N ARG A 247 -19.27 7.47 -23.83
CA ARG A 247 -17.94 8.04 -23.74
C ARG A 247 -16.89 6.98 -24.02
N VAL A 248 -16.06 7.21 -25.03
CA VAL A 248 -14.88 6.39 -25.28
C VAL A 248 -13.67 7.24 -24.94
N TYR A 249 -12.82 6.72 -24.05
CA TYR A 249 -11.57 7.35 -23.67
C TYR A 249 -10.44 6.64 -24.42
N ILE A 250 -9.47 7.41 -24.89
CA ILE A 250 -8.28 6.87 -25.53
C ILE A 250 -7.07 7.41 -24.79
N VAL A 251 -6.33 6.51 -24.14
CA VAL A 251 -5.08 6.86 -23.47
C VAL A 251 -3.96 6.70 -24.51
N LEU A 252 -3.39 7.81 -24.94
CA LEU A 252 -2.59 7.83 -26.15
C LEU A 252 -1.20 7.28 -25.90
N ASP A 253 -0.53 6.94 -27.00
CA ASP A 253 0.86 6.56 -26.95
C ASP A 253 1.61 7.54 -27.85
N ASN A 254 1.98 7.26 -29.08
CA ASN A 254 2.96 8.00 -29.92
C ASN A 254 2.25 9.05 -30.73
N SER A 255 3.05 9.92 -31.30
CA SER A 255 2.69 11.02 -32.19
C SER A 255 2.76 10.51 -33.66
N GLY A 256 2.90 11.40 -34.63
CA GLY A 256 2.95 11.12 -36.05
C GLY A 256 1.82 10.25 -36.51
N PHE A 257 2.10 9.18 -37.26
CA PHE A 257 1.09 8.32 -37.90
C PHE A 257 0.26 7.54 -36.87
N GLU A 258 0.87 7.12 -35.78
CA GLU A 258 0.16 6.39 -34.72
C GLU A 258 -0.92 7.29 -34.10
N LEU A 259 -0.73 8.51 -33.91
CA LEU A 259 -1.78 9.40 -33.41
C LEU A 259 -2.85 9.63 -34.46
N VAL A 260 -2.43 9.73 -35.73
CA VAL A 260 -3.40 9.85 -36.82
C VAL A 260 -4.36 8.66 -36.79
N THR A 261 -3.83 7.46 -36.62
CA THR A 261 -4.72 6.29 -36.59
C THR A 261 -5.71 6.38 -35.44
N ASP A 262 -5.31 7.01 -34.33
CA ASP A 262 -6.21 7.17 -33.19
C ASP A 262 -7.22 8.29 -33.43
N LEU A 263 -6.77 9.40 -34.02
CA LEU A 263 -7.74 10.44 -34.41
C LEU A 263 -8.73 9.90 -35.42
N ILE A 264 -8.25 9.12 -36.39
CA ILE A 264 -9.12 8.56 -37.42
C ILE A 264 -10.14 7.62 -36.79
N LEU A 265 -9.70 6.78 -35.84
CA LEU A 265 -10.64 5.89 -35.16
C LEU A 265 -11.67 6.69 -34.37
N ALA A 266 -11.24 7.73 -33.67
CA ALA A 266 -12.17 8.54 -32.90
C ALA A 266 -13.22 9.19 -33.80
N ASP A 267 -12.81 9.64 -34.99
CA ASP A 267 -13.77 10.24 -35.92
C ASP A 267 -14.82 9.22 -36.34
N PHE A 268 -14.37 8.03 -36.74
CA PHE A 268 -15.32 6.96 -37.08
C PHE A 268 -16.23 6.64 -35.91
N LEU A 269 -15.70 6.63 -34.69
CA LEU A 269 -16.52 6.34 -33.52
C LEU A 269 -17.70 7.30 -33.43
N LEU A 270 -17.45 8.59 -33.69
CA LEU A 270 -18.52 9.57 -33.64
C LEU A 270 -19.42 9.47 -34.86
N SER A 271 -18.82 9.39 -36.06
CA SER A 271 -19.61 9.36 -37.29
C SER A 271 -20.51 8.13 -37.36
N SER A 272 -20.09 7.03 -36.73
CA SER A 272 -20.87 5.81 -36.68
C SER A 272 -21.83 5.78 -35.50
N GLU A 273 -21.80 6.80 -34.64
CA GLU A 273 -22.61 6.88 -33.44
C GLU A 273 -22.36 5.71 -32.49
N LEU A 274 -21.17 5.09 -32.59
CA LEU A 274 -20.75 4.13 -31.58
C LEU A 274 -20.32 4.84 -30.30
N ALA A 275 -19.86 6.08 -30.41
CA ALA A 275 -19.62 6.97 -29.28
C ALA A 275 -20.28 8.30 -29.55
N THR A 276 -20.56 9.06 -28.48
CA THR A 276 -20.98 10.45 -28.63
C THR A 276 -19.93 11.43 -28.17
N GLU A 277 -18.96 11.00 -27.36
CA GLU A 277 -17.85 11.83 -26.94
C GLU A 277 -16.59 10.98 -26.91
N VAL A 278 -15.47 11.55 -27.38
CA VAL A 278 -14.17 10.90 -27.26
C VAL A 278 -13.26 11.79 -26.42
N HIS A 279 -12.60 11.18 -25.43
CA HIS A 279 -11.71 11.87 -24.53
C HIS A 279 -10.30 11.31 -24.73
N PHE A 280 -9.34 12.19 -24.98
CA PHE A 280 -7.95 11.80 -25.19
C PHE A 280 -7.12 12.15 -23.97
N TYR A 281 -6.14 11.31 -23.65
CA TYR A 281 -5.17 11.59 -22.61
C TYR A 281 -3.77 11.44 -23.18
N GLY A 282 -2.95 12.48 -23.02
CA GLY A 282 -1.56 12.42 -23.43
C GLY A 282 -0.62 12.61 -22.27
N LYS A 283 0.62 12.99 -22.55
CA LYS A 283 1.66 13.17 -21.54
C LYS A 283 1.90 14.65 -21.30
N THR A 284 2.10 15.00 -20.02
CA THR A 284 2.34 16.39 -19.63
C THR A 284 3.70 16.88 -20.09
N ILE A 285 4.67 15.98 -20.23
CA ILE A 285 6.04 16.35 -20.57
C ILE A 285 6.54 15.42 -21.66
N PRO A 286 7.60 15.81 -22.37
CA PRO A 286 8.26 14.90 -23.30
C PRO A 286 8.60 13.59 -22.60
N TRP A 287 8.33 12.47 -23.27
CA TRP A 287 8.21 11.18 -22.59
C TRP A 287 8.53 10.07 -23.58
N PHE A 288 9.44 9.18 -23.19
CA PHE A 288 9.76 7.99 -23.98
C PHE A 288 9.89 8.35 -25.45
N VAL A 289 10.60 9.46 -25.69
CA VAL A 289 10.91 9.98 -27.01
C VAL A 289 9.64 10.45 -27.73
N SER A 290 8.94 9.50 -28.35
CA SER A 290 7.93 9.83 -29.35
C SER A 290 6.51 9.98 -28.78
N ALA A 291 6.34 9.91 -27.47
CA ALA A 291 4.99 9.92 -26.91
C ALA A 291 4.36 11.31 -27.02
N THR A 292 3.04 11.32 -27.24
CA THR A 292 2.32 12.53 -27.58
C THR A 292 2.09 13.40 -26.34
N THR A 293 2.54 14.65 -26.41
CA THR A 293 2.17 15.67 -25.43
C THR A 293 1.03 16.50 -25.99
N ILE A 294 0.53 17.44 -25.17
CA ILE A 294 -0.52 18.33 -25.68
C ILE A 294 -0.03 19.12 -26.89
N HIS A 295 1.25 19.49 -26.90
CA HIS A 295 1.76 20.29 -28.03
C HIS A 295 1.81 19.46 -29.31
N ASP A 296 2.14 18.17 -29.21
CA ASP A 296 2.11 17.31 -30.39
C ASP A 296 0.68 17.10 -30.88
N PHE A 297 -0.26 16.83 -29.96
CA PHE A 297 -1.66 16.67 -30.31
C PHE A 297 -2.16 17.88 -31.11
N ASN A 298 -1.97 19.08 -30.56
CA ASN A 298 -2.47 20.28 -31.22
C ASN A 298 -1.69 20.57 -32.51
N TRP A 299 -0.37 20.46 -32.45
CA TRP A 299 0.45 20.73 -33.64
C TRP A 299 0.03 19.85 -34.81
N LEU A 300 -0.19 18.56 -34.54
CA LEU A 300 -0.49 17.64 -35.63
C LEU A 300 -1.86 17.93 -36.24
N ILE A 301 -2.87 18.19 -35.41
CA ILE A 301 -4.18 18.53 -35.94
C ILE A 301 -4.12 19.81 -36.75
N GLU A 302 -3.28 20.76 -36.30
CA GLU A 302 -3.10 21.99 -37.07
C GLU A 302 -2.53 21.70 -38.45
N GLN A 303 -1.47 20.87 -38.51
CA GLN A 303 -0.85 20.59 -39.80
C GLN A 303 -1.83 19.89 -40.73
N VAL A 304 -2.66 18.99 -40.20
CA VAL A 304 -3.64 18.30 -41.03
C VAL A 304 -4.69 19.28 -41.53
N LYS A 305 -5.17 20.16 -40.63
CA LYS A 305 -6.22 21.10 -41.01
C LYS A 305 -5.74 22.06 -42.10
N HIS A 306 -4.56 22.65 -41.91
CA HIS A 306 -4.00 23.58 -42.88
C HIS A 306 -3.18 22.89 -43.96
N SER A 307 -3.31 21.58 -44.09
CA SER A 307 -2.77 20.88 -45.24
C SER A 307 -3.41 21.43 -46.52
N ASN A 308 -2.67 21.36 -47.62
CA ASN A 308 -3.20 21.72 -48.92
C ASN A 308 -3.77 20.51 -49.66
N HIS A 309 -3.89 19.37 -48.99
CA HIS A 309 -4.53 18.20 -49.57
C HIS A 309 -5.99 18.16 -49.14
N LYS A 310 -6.87 17.83 -50.09
CA LYS A 310 -8.30 18.04 -49.90
C LYS A 310 -8.83 17.24 -48.71
N TRP A 311 -8.47 15.96 -48.62
CA TRP A 311 -9.07 15.10 -47.61
C TRP A 311 -8.38 15.23 -46.26
N MET A 312 -7.09 15.53 -46.23
CA MET A 312 -6.44 15.83 -44.96
C MET A 312 -7.03 17.09 -44.33
N SER A 313 -7.18 18.15 -45.13
CA SER A 313 -7.70 19.41 -44.61
C SER A 313 -9.11 19.24 -44.06
N LYS A 314 -9.97 18.50 -44.77
CA LYS A 314 -11.33 18.28 -44.29
C LYS A 314 -11.33 17.51 -42.98
N CYS A 315 -10.51 16.46 -42.89
CA CYS A 315 -10.35 15.76 -41.62
C CYS A 315 -9.93 16.74 -40.53
N GLY A 316 -8.89 17.55 -40.82
CA GLY A 316 -8.40 18.48 -39.82
C GLY A 316 -9.44 19.48 -39.38
N ALA A 317 -10.24 19.99 -40.32
CA ALA A 317 -11.30 20.92 -39.95
C ALA A 317 -12.33 20.24 -39.07
N ASP A 318 -12.76 19.03 -39.45
CA ASP A 318 -13.71 18.29 -38.64
C ASP A 318 -13.18 18.07 -37.23
N TRP A 319 -11.89 17.77 -37.10
CA TRP A 319 -11.34 17.43 -35.77
C TRP A 319 -11.31 18.66 -34.87
N GLU A 320 -10.83 19.80 -35.37
CA GLU A 320 -10.89 21.02 -34.58
C GLU A 320 -12.34 21.41 -34.27
N GLU A 321 -13.26 21.15 -35.21
CA GLU A 321 -14.67 21.37 -34.92
C GLU A 321 -15.14 20.46 -33.79
N TYR A 322 -14.77 19.18 -33.84
CA TYR A 322 -15.09 18.27 -32.73
C TYR A 322 -14.62 18.86 -31.41
N ILE A 323 -13.41 19.37 -31.36
CA ILE A 323 -12.79 19.87 -30.10
C ILE A 323 -13.57 21.10 -29.62
N LYS A 324 -13.97 21.97 -30.54
CA LYS A 324 -14.75 23.20 -30.28
C LYS A 324 -16.12 22.86 -29.67
N MET A 325 -16.74 21.78 -30.08
CA MET A 325 -18.09 21.41 -29.62
C MET A 325 -18.06 20.54 -28.36
N GLY A 326 -16.92 20.08 -27.94
CA GLY A 326 -16.83 19.16 -26.79
C GLY A 326 -17.11 17.70 -27.16
N LYS A 327 -17.30 17.37 -28.41
CA LYS A 327 -17.38 16.02 -28.93
C LYS A 327 -16.05 15.29 -28.78
N TRP A 328 -14.94 16.02 -28.94
CA TRP A 328 -13.61 15.54 -28.56
C TRP A 328 -13.09 16.42 -27.43
N VAL A 329 -12.39 15.82 -26.48
CA VAL A 329 -11.78 16.56 -25.38
C VAL A 329 -10.39 16.02 -25.15
N TYR A 330 -9.40 16.91 -25.14
CA TYR A 330 -8.04 16.51 -24.77
C TYR A 330 -7.82 16.80 -23.29
N HIS A 331 -7.29 15.83 -22.58
CA HIS A 331 -6.99 15.97 -21.16
C HIS A 331 -5.49 15.83 -20.93
N ASN A 332 -4.96 16.68 -20.05
CA ASN A 332 -3.60 16.55 -19.53
C ASN A 332 -3.69 16.21 -18.05
N HIS A 333 -2.97 15.18 -17.63
CA HIS A 333 -2.91 14.85 -16.21
C HIS A 333 -1.53 14.32 -15.85
N ILE A 334 -1.01 14.76 -14.71
CA ILE A 334 0.38 14.46 -14.33
C ILE A 334 0.59 12.98 -14.12
N PHE A 335 -0.46 12.25 -13.75
CA PHE A 335 -0.28 10.87 -13.34
C PHE A 335 0.38 10.05 -14.43
N TRP A 336 0.08 10.36 -15.70
CA TRP A 336 0.59 9.55 -16.80
C TRP A 336 2.11 9.65 -16.96
N THR A 337 2.75 10.66 -16.38
CA THR A 337 4.20 10.79 -16.44
C THR A 337 4.86 10.61 -15.07
N LEU A 338 4.11 10.05 -14.11
CA LEU A 338 4.68 9.56 -12.87
C LEU A 338 5.17 8.13 -13.07
N PRO A 339 6.04 7.62 -12.18
CA PRO A 339 6.49 6.23 -12.31
C PRO A 339 5.45 5.22 -11.86
N HIS A 340 4.32 5.67 -11.32
CA HIS A 340 3.42 4.77 -10.60
C HIS A 340 2.76 3.78 -11.54
N GLU A 341 2.61 2.54 -11.07
CA GLU A 341 1.72 1.60 -11.70
C GLU A 341 0.29 2.11 -11.61
N TYR A 342 -0.57 1.72 -12.53
CA TYR A 342 -1.97 2.16 -12.64
C TYR A 342 -2.87 1.64 -11.51
N CYS A 343 -2.42 0.61 -10.81
CA CYS A 343 -3.08 0.08 -9.59
C CYS A 343 -2.99 1.15 -8.48
N ALA A 344 -2.06 2.13 -8.56
CA ALA A 344 -1.99 3.15 -7.53
C ALA A 344 -2.82 4.38 -7.85
N MET A 345 -3.46 4.44 -9.01
CA MET A 345 -4.17 5.65 -9.40
C MET A 345 -5.30 6.03 -8.44
N PRO A 346 -6.13 5.10 -7.95
CA PRO A 346 -7.19 5.50 -7.01
C PRO A 346 -6.67 6.32 -5.84
N GLN A 347 -5.46 6.00 -5.36
CA GLN A 347 -4.90 6.68 -4.20
C GLN A 347 -4.03 7.88 -4.62
N VAL A 348 -3.31 7.77 -5.72
CA VAL A 348 -2.37 8.83 -6.09
C VAL A 348 -3.03 9.91 -6.94
N ALA A 349 -4.08 9.61 -7.67
CA ALA A 349 -4.76 10.55 -8.59
C ALA A 349 -6.28 10.23 -8.56
N PRO A 350 -6.98 10.41 -7.42
CA PRO A 350 -8.37 9.97 -7.29
C PRO A 350 -9.33 10.64 -8.28
N ASP A 351 -9.10 11.90 -8.58
CA ASP A 351 -9.87 12.68 -9.56
C ASP A 351 -9.74 12.07 -10.96
N LEU A 352 -8.56 11.62 -11.35
CA LEU A 352 -8.34 10.97 -12.66
C LEU A 352 -9.07 9.63 -12.65
N TYR A 353 -8.90 8.80 -11.64
CA TYR A 353 -9.64 7.55 -11.57
C TYR A 353 -11.14 7.81 -11.66
N ALA A 354 -11.64 8.79 -10.90
CA ALA A 354 -13.06 9.11 -10.95
C ALA A 354 -13.49 9.50 -12.37
N GLU A 355 -12.66 10.25 -13.08
CA GLU A 355 -12.98 10.60 -14.47
C GLU A 355 -13.02 9.36 -15.34
N LEU A 356 -12.01 8.50 -15.22
CA LEU A 356 -11.98 7.26 -16.00
C LEU A 356 -13.24 6.42 -15.75
N GLN A 357 -13.80 6.50 -14.53
CA GLN A 357 -15.00 5.74 -14.22
C GLN A 357 -16.23 6.24 -14.98
N LYS A 358 -16.16 7.43 -15.58
CA LYS A 358 -17.24 7.92 -16.42
C LYS A 358 -17.17 7.34 -17.84
N ALA A 359 -16.09 6.66 -18.19
CA ALA A 359 -15.98 6.06 -19.51
C ALA A 359 -16.87 4.83 -19.62
N HIS A 360 -17.43 4.63 -20.81
CA HIS A 360 -18.06 3.37 -21.15
C HIS A 360 -17.07 2.40 -21.80
N LEU A 361 -15.94 2.92 -22.30
CA LEU A 361 -14.87 2.07 -22.79
C LEU A 361 -13.59 2.88 -22.85
N ILE A 362 -12.50 2.31 -22.31
CA ILE A 362 -11.19 2.94 -22.33
C ILE A 362 -10.27 2.11 -23.20
N LEU A 363 -9.71 2.73 -24.23
CA LEU A 363 -8.69 2.11 -25.07
C LEU A 363 -7.33 2.64 -24.64
N PHE A 364 -6.43 1.74 -24.25
CA PHE A 364 -5.06 2.07 -23.90
C PHE A 364 -4.17 1.68 -25.07
N LYS A 365 -3.42 2.65 -25.62
CA LYS A 365 -2.54 2.37 -26.73
C LYS A 365 -1.15 1.98 -26.23
N GLY A 366 -0.58 0.92 -26.78
CA GLY A 366 0.86 0.75 -26.77
C GLY A 366 1.42 0.05 -25.55
N ASP A 367 2.74 -0.15 -25.63
CA ASP A 367 3.42 -1.09 -24.74
C ASP A 367 3.55 -0.55 -23.33
N LEU A 368 3.96 0.72 -23.19
CA LEU A 368 4.18 1.26 -21.86
C LEU A 368 2.86 1.28 -21.06
N ASN A 369 1.75 1.57 -21.73
CA ASN A 369 0.46 1.51 -21.07
C ASN A 369 0.16 0.10 -20.59
N TYR A 370 0.52 -0.91 -21.39
CA TYR A 370 0.32 -2.28 -20.97
C TYR A 370 1.16 -2.61 -19.74
N ARG A 371 2.43 -2.19 -19.75
CA ARG A 371 3.30 -2.43 -18.61
C ARG A 371 2.75 -1.77 -17.35
N LYS A 372 2.26 -0.54 -17.48
CA LYS A 372 1.70 0.15 -16.31
C LYS A 372 0.38 -0.49 -15.89
N LEU A 373 -0.39 -1.04 -16.83
CA LEU A 373 -1.62 -1.70 -16.46
C LEU A 373 -1.36 -3.03 -15.75
N THR A 374 -0.23 -3.68 -16.01
CA THR A 374 0.08 -4.96 -15.41
C THR A 374 1.23 -4.90 -14.40
N GLY A 375 1.64 -3.70 -13.99
CA GLY A 375 2.65 -3.56 -12.98
C GLY A 375 4.07 -3.80 -13.43
N ASP A 376 4.28 -4.19 -14.70
CA ASP A 376 5.62 -4.49 -15.21
C ASP A 376 6.25 -5.63 -14.42
N ARG A 377 5.45 -6.63 -14.08
CA ARG A 377 5.87 -7.73 -13.23
C ARG A 377 6.06 -9.01 -14.05
N LYS A 378 6.70 -9.99 -13.41
CA LYS A 378 7.01 -11.26 -14.05
C LYS A 378 5.85 -12.25 -13.90
N TRP A 379 4.69 -11.83 -14.40
CA TRP A 379 3.53 -12.71 -14.44
C TRP A 379 3.85 -13.93 -15.29
N GLU A 380 3.36 -15.10 -14.86
CA GLU A 380 3.37 -16.26 -15.74
C GLU A 380 2.36 -16.03 -16.88
N PHE A 381 2.56 -16.75 -17.98
CA PHE A 381 1.78 -16.47 -19.18
C PHE A 381 0.29 -16.67 -18.95
N SER A 382 -0.08 -17.61 -18.08
CA SER A 382 -1.48 -18.03 -17.95
C SER A 382 -2.29 -17.20 -16.98
N VAL A 383 -1.65 -16.35 -16.18
CA VAL A 383 -2.36 -15.46 -15.26
C VAL A 383 -3.44 -14.71 -16.04
N PRO A 384 -4.64 -14.55 -15.50
CA PRO A 384 -5.68 -13.81 -16.24
C PRO A 384 -5.39 -12.31 -16.23
N PHE A 385 -5.74 -11.67 -17.35
CA PHE A 385 -5.59 -10.22 -17.47
C PHE A 385 -6.26 -9.51 -16.31
N HIS A 386 -7.49 -9.93 -15.97
CA HIS A 386 -8.21 -9.32 -14.86
C HIS A 386 -7.37 -9.29 -13.59
N GLN A 387 -6.69 -10.40 -13.29
CA GLN A 387 -5.88 -10.48 -12.08
C GLN A 387 -4.60 -9.66 -12.22
N ALA A 388 -3.98 -9.68 -13.40
CA ALA A 388 -2.79 -8.87 -13.60
C ALA A 388 -3.08 -7.39 -13.39
N LEU A 389 -4.33 -6.97 -13.62
CA LEU A 389 -4.69 -5.57 -13.43
C LEU A 389 -4.63 -5.13 -11.97
N ASN A 390 -4.66 -6.08 -11.04
CA ASN A 390 -4.36 -5.83 -9.63
C ASN A 390 -5.23 -4.70 -9.07
N GLY A 391 -6.53 -4.79 -9.34
CA GLY A 391 -7.52 -3.90 -8.76
C GLY A 391 -7.95 -2.76 -9.65
N PHE A 392 -7.21 -2.48 -10.73
CA PHE A 392 -7.50 -1.35 -11.61
C PHE A 392 -8.62 -1.76 -12.57
N HIS A 393 -9.86 -1.42 -12.22
CA HIS A 393 -11.02 -1.67 -13.08
C HIS A 393 -11.94 -0.45 -13.04
N PRO A 394 -11.47 0.69 -13.54
CA PRO A 394 -12.34 1.88 -13.58
C PRO A 394 -13.58 1.69 -14.45
N ALA A 395 -13.41 1.04 -15.59
CA ALA A 395 -14.46 0.90 -16.59
C ALA A 395 -14.05 -0.21 -17.53
N PRO A 396 -14.96 -0.71 -18.37
CA PRO A 396 -14.55 -1.64 -19.42
C PRO A 396 -13.37 -1.05 -20.18
N LEU A 397 -12.31 -1.84 -20.33
CA LEU A 397 -11.08 -1.33 -20.94
C LEU A 397 -10.46 -2.40 -21.82
N CYS A 398 -9.67 -1.94 -22.78
CA CYS A 398 -8.96 -2.82 -23.70
C CYS A 398 -7.62 -2.19 -24.06
N THR A 399 -6.57 -3.01 -24.04
CA THR A 399 -5.22 -2.58 -24.39
C THR A 399 -4.95 -3.00 -25.84
N ILE A 400 -4.62 -2.02 -26.68
CA ILE A 400 -4.26 -2.22 -28.07
C ILE A 400 -2.76 -1.99 -28.16
N ARG A 401 -2.00 -3.06 -28.34
CA ARG A 401 -0.58 -3.02 -28.03
C ARG A 401 0.20 -3.98 -28.92
N THR A 402 1.33 -3.49 -29.42
CA THR A 402 2.36 -4.34 -30.01
C THR A 402 3.39 -4.64 -28.95
N LEU A 403 3.82 -5.90 -28.89
CA LEU A 403 4.63 -6.39 -27.78
C LEU A 403 6.07 -5.90 -27.94
N LYS A 404 6.48 -5.00 -27.05
CA LYS A 404 7.86 -4.54 -26.97
C LYS A 404 8.45 -4.78 -25.58
N ALA A 405 7.91 -5.75 -24.83
CA ALA A 405 8.38 -6.00 -23.47
C ALA A 405 8.09 -7.44 -23.07
N GLU A 406 8.95 -7.98 -22.20
CA GLU A 406 8.87 -9.38 -21.78
C GLU A 406 7.76 -9.55 -20.73
N ILE A 407 6.53 -9.32 -21.18
CA ILE A 407 5.38 -9.52 -20.31
C ILE A 407 4.11 -9.58 -21.16
N GLN A 408 3.29 -10.59 -20.89
CA GLN A 408 2.07 -10.85 -21.63
C GLN A 408 1.24 -11.89 -20.89
N VAL A 409 0.08 -11.51 -20.40
CA VAL A 409 -0.76 -12.41 -19.61
C VAL A 409 -1.97 -12.83 -20.44
N GLY A 410 -2.85 -13.63 -19.83
CA GLY A 410 -4.08 -14.03 -20.48
C GLY A 410 -3.91 -15.02 -21.62
N LEU A 411 -2.75 -15.64 -21.76
CA LEU A 411 -2.55 -16.55 -22.87
C LEU A 411 -3.04 -17.95 -22.51
N GLN A 412 -3.33 -18.74 -23.55
CA GLN A 412 -3.68 -20.13 -23.37
C GLN A 412 -2.46 -20.90 -22.86
N PRO A 413 -2.67 -21.97 -22.10
CA PRO A 413 -1.53 -22.74 -21.58
C PRO A 413 -0.64 -23.25 -22.70
N GLY A 414 0.67 -23.09 -22.53
CA GLY A 414 1.63 -23.50 -23.52
C GLY A 414 1.78 -22.56 -24.70
N GLN A 415 0.95 -21.52 -24.81
CA GLN A 415 1.00 -20.65 -25.98
C GLN A 415 2.26 -19.80 -25.95
N GLY A 416 2.48 -19.07 -24.86
CA GLY A 416 3.69 -18.25 -24.76
C GLY A 416 4.94 -19.09 -24.72
N GLU A 417 4.89 -20.25 -24.06
CA GLU A 417 6.02 -21.17 -23.93
C GLU A 417 6.45 -21.59 -25.34
N GLN A 418 5.49 -21.88 -26.21
CA GLN A 418 5.79 -22.31 -27.58
C GLN A 418 6.48 -21.20 -28.35
N LEU A 419 6.05 -19.95 -28.19
CA LEU A 419 6.66 -18.83 -28.89
C LEU A 419 8.08 -18.57 -28.42
N LEU A 420 8.32 -18.69 -27.11
CA LEU A 420 9.68 -18.52 -26.60
C LEU A 420 10.61 -19.58 -27.17
N ALA A 421 10.12 -20.81 -27.31
CA ALA A 421 10.97 -21.88 -27.81
C ALA A 421 11.26 -21.71 -29.30
N SER A 422 10.34 -21.09 -30.04
CA SER A 422 10.45 -20.97 -31.49
C SER A 422 11.11 -19.69 -31.95
N GLU A 423 10.90 -18.59 -31.23
CA GLU A 423 11.60 -17.34 -31.50
C GLU A 423 11.75 -16.63 -30.17
N PRO A 424 12.91 -16.71 -29.53
CA PRO A 424 13.06 -16.12 -28.18
C PRO A 424 12.74 -14.64 -28.12
N SER A 425 12.75 -13.94 -29.25
CA SER A 425 12.62 -12.50 -29.31
C SER A 425 11.19 -12.04 -29.51
N TRP A 426 10.22 -12.97 -29.51
CA TRP A 426 8.93 -12.69 -30.13
C TRP A 426 8.24 -11.51 -29.48
N TRP A 427 8.31 -11.38 -28.17
CA TRP A 427 7.50 -10.40 -27.47
C TRP A 427 8.20 -9.06 -27.25
N THR A 428 9.37 -8.85 -27.85
CA THR A 428 10.08 -7.60 -27.71
C THR A 428 10.40 -6.90 -29.03
N THR A 429 9.99 -7.44 -30.17
CA THR A 429 10.32 -6.87 -31.46
C THR A 429 9.22 -6.00 -32.04
N GLY A 430 8.08 -5.90 -31.36
CA GLY A 430 6.94 -5.20 -31.92
C GLY A 430 6.25 -5.94 -33.04
N LYS A 431 6.53 -7.22 -33.22
CA LYS A 431 5.92 -7.97 -34.31
C LYS A 431 4.53 -8.46 -33.96
N TYR A 432 4.24 -8.71 -32.69
CA TYR A 432 2.96 -9.25 -32.29
C TYR A 432 2.10 -8.17 -31.66
N GLY A 433 0.79 -8.37 -31.75
CA GLY A 433 -0.15 -7.41 -31.22
C GLY A 433 -1.32 -8.13 -30.56
N ILE A 434 -2.04 -7.37 -29.73
CA ILE A 434 -3.17 -7.91 -28.99
C ILE A 434 -4.28 -6.86 -28.92
N PHE A 435 -5.51 -7.35 -28.87
CA PHE A 435 -6.67 -6.61 -28.35
C PHE A 435 -7.14 -7.42 -27.14
N GLN A 436 -6.83 -6.93 -25.94
CA GLN A 436 -7.04 -7.67 -24.69
C GLN A 436 -7.97 -6.85 -23.81
N TYR A 437 -9.18 -7.36 -23.57
CA TYR A 437 -10.28 -6.62 -22.98
C TYR A 437 -10.51 -7.07 -21.54
N ASP A 438 -10.85 -6.11 -20.69
CA ASP A 438 -11.32 -6.38 -19.32
C ASP A 438 -12.65 -5.68 -19.15
N GLY A 439 -13.70 -6.45 -18.87
CA GLY A 439 -15.01 -5.89 -18.71
C GLY A 439 -16.12 -6.88 -18.97
N PRO A 440 -17.36 -6.39 -19.06
CA PRO A 440 -18.51 -7.29 -19.20
C PRO A 440 -18.51 -8.03 -20.54
N LEU A 441 -18.96 -9.28 -20.48
CA LEU A 441 -18.99 -10.18 -21.63
C LEU A 441 -17.59 -10.57 -22.08
N VAL B 3 -10.91 4.94 1.69
CA VAL B 3 -10.25 6.06 2.36
C VAL B 3 -10.17 5.78 3.86
N VAL B 4 -9.05 6.16 4.47
CA VAL B 4 -8.84 5.98 5.90
C VAL B 4 -8.44 7.34 6.47
N PRO B 5 -8.94 7.73 7.64
CA PRO B 5 -8.70 9.08 8.13
C PRO B 5 -7.25 9.28 8.57
N ALA B 6 -6.94 10.54 8.85
CA ALA B 6 -5.62 10.91 9.34
C ALA B 6 -5.32 10.19 10.66
N SER B 7 -4.03 10.03 10.94
CA SER B 7 -3.60 9.37 12.16
C SER B 7 -3.69 10.32 13.35
N LEU B 8 -3.98 9.75 14.51
CA LEU B 8 -3.83 10.50 15.74
C LEU B 8 -2.38 10.91 15.92
N SER B 9 -2.16 12.15 16.37
CA SER B 9 -0.80 12.65 16.45
C SER B 9 -0.76 13.82 17.43
N GLY B 10 0.46 14.30 17.69
CA GLY B 10 0.69 15.48 18.49
C GLY B 10 0.51 16.79 17.76
N GLN B 11 -0.03 16.75 16.53
CA GLN B 11 -0.29 17.98 15.79
C GLN B 11 -1.43 18.77 16.43
N ASP B 12 -2.42 18.07 16.97
CA ASP B 12 -3.55 18.69 17.67
C ASP B 12 -3.14 18.90 19.11
N VAL B 13 -2.82 20.15 19.48
CA VAL B 13 -2.33 20.44 20.81
C VAL B 13 -3.38 20.22 21.89
N GLY B 14 -4.64 20.08 21.50
CA GLY B 14 -5.69 19.75 22.45
C GLY B 14 -5.92 18.28 22.64
N SER B 15 -5.20 17.43 21.93
CA SER B 15 -5.50 16.01 21.91
C SER B 15 -4.73 15.26 23.00
N PHE B 16 -5.26 14.08 23.34
CA PHE B 16 -4.57 13.19 24.28
C PHE B 16 -3.20 12.81 23.77
N ALA B 17 -3.08 12.51 22.47
CA ALA B 17 -1.79 12.18 21.89
C ALA B 17 -0.76 13.26 22.19
N TYR B 18 -1.12 14.53 21.98
CA TYR B 18 -0.19 15.60 22.29
C TYR B 18 0.19 15.58 23.77
N LEU B 19 -0.82 15.61 24.65
CA LEU B 19 -0.60 15.52 26.08
C LEU B 19 0.32 14.36 26.43
N THR B 20 0.04 13.18 25.86
CA THR B 20 0.86 12.02 26.14
C THR B 20 2.30 12.25 25.72
N ILE B 21 2.51 12.77 24.51
CA ILE B 21 3.86 12.90 23.98
C ILE B 21 4.63 13.99 24.72
N LYS B 22 3.94 15.07 25.09
CA LYS B 22 4.63 16.19 25.71
C LYS B 22 5.01 15.92 27.16
N ASP B 23 4.11 15.31 27.92
CA ASP B 23 4.30 15.15 29.36
C ASP B 23 4.51 13.71 29.80
N ARG B 24 3.84 12.74 29.19
CA ARG B 24 3.84 11.39 29.75
C ARG B 24 5.05 10.56 29.29
N ILE B 25 5.33 10.51 27.99
CA ILE B 25 6.47 9.71 27.51
C ILE B 25 7.77 10.16 28.18
N PRO B 26 8.04 11.45 28.33
CA PRO B 26 9.28 11.84 29.04
C PRO B 26 9.38 11.25 30.44
N GLN B 27 8.24 11.17 31.16
CA GLN B 27 8.04 10.56 32.52
C GLN B 27 8.45 9.08 32.46
N ILE B 28 8.00 8.35 31.43
CA ILE B 28 8.30 6.93 31.26
C ILE B 28 9.81 6.72 31.18
N LEU B 29 10.49 7.58 30.41
CA LEU B 29 11.92 7.40 30.19
C LEU B 29 12.73 7.78 31.42
N THR B 30 12.29 8.79 32.16
CA THR B 30 12.94 9.12 33.43
C THR B 30 12.85 7.95 34.40
N LYS B 31 11.68 7.29 34.46
CA LYS B 31 11.52 6.14 35.33
C LYS B 31 12.47 5.02 34.92
N VAL B 32 12.65 4.83 33.60
CA VAL B 32 13.58 3.80 33.12
C VAL B 32 15.00 4.14 33.54
N ILE B 33 15.38 5.41 33.45
CA ILE B 33 16.72 5.81 33.84
C ILE B 33 16.92 5.62 35.34
N ASP B 34 15.89 5.97 36.14
CA ASP B 34 15.98 5.73 37.57
C ASP B 34 16.15 4.24 37.87
N THR B 35 15.37 3.40 37.19
CA THR B 35 15.49 1.96 37.38
C THR B 35 16.92 1.50 37.13
N LEU B 36 17.56 1.99 36.07
CA LEU B 36 18.94 1.59 35.70
C LEU B 36 19.91 2.07 36.78
N HIS B 37 19.80 3.33 37.20
CA HIS B 37 20.61 3.99 38.25
C HIS B 37 20.55 3.15 39.54
N ARG B 38 19.34 2.81 39.95
CA ARG B 38 19.01 2.07 41.19
C ARG B 38 19.50 0.63 41.12
N HIS B 39 19.78 0.08 39.94
CA HIS B 39 20.29 -1.26 39.80
C HIS B 39 21.82 -1.31 39.74
N LYS B 40 22.49 -0.17 39.86
CA LYS B 40 23.95 -0.15 39.77
C LYS B 40 24.57 -1.19 40.70
N SER B 41 24.13 -1.21 41.96
CA SER B 41 24.67 -2.15 42.94
C SER B 41 24.59 -3.58 42.44
N GLU B 42 23.42 -3.98 41.93
CA GLU B 42 23.22 -5.36 41.49
C GLU B 42 23.99 -5.65 40.23
N PHE B 43 24.05 -4.67 39.31
CA PHE B 43 24.82 -4.86 38.09
C PHE B 43 26.29 -5.12 38.41
N PHE B 44 26.85 -4.41 39.39
CA PHE B 44 28.26 -4.62 39.74
C PHE B 44 28.47 -5.99 40.37
N GLU B 45 27.61 -6.36 41.33
CA GLU B 45 27.74 -7.64 42.01
C GLU B 45 27.84 -8.79 41.01
N LYS B 46 27.17 -8.65 39.85
CA LYS B 46 27.03 -9.80 38.96
C LYS B 46 27.74 -9.67 37.63
N HIS B 47 28.26 -8.49 37.30
CA HIS B 47 29.12 -8.38 36.13
C HIS B 47 30.42 -7.66 36.40
N GLY B 48 30.65 -7.16 37.62
CA GLY B 48 31.84 -6.39 37.85
C GLY B 48 31.72 -4.98 37.27
N GLU B 49 32.88 -4.33 37.11
CA GLU B 49 32.88 -2.95 36.64
C GLU B 49 32.28 -2.81 35.26
N GLU B 50 32.38 -3.86 34.42
CA GLU B 50 31.78 -3.80 33.10
C GLU B 50 30.26 -3.62 33.19
N GLY B 51 29.65 -4.25 34.19
CA GLY B 51 28.23 -4.03 34.40
C GLY B 51 27.89 -2.59 34.71
N VAL B 52 28.76 -1.93 35.48
CA VAL B 52 28.52 -0.53 35.82
C VAL B 52 28.75 0.37 34.61
N GLU B 53 29.83 0.11 33.86
CA GLU B 53 30.07 0.88 32.64
C GLU B 53 28.88 0.77 31.69
N ALA B 54 28.38 -0.46 31.48
CA ALA B 54 27.25 -0.65 30.57
C ALA B 54 26.01 0.09 31.06
N GLU B 55 25.79 0.10 32.39
CA GLU B 55 24.61 0.77 32.93
C GLU B 55 24.65 2.27 32.65
N LYS B 56 25.84 2.88 32.79
CA LYS B 56 25.96 4.30 32.47
C LYS B 56 25.89 4.54 30.97
N LYS B 57 26.42 3.62 30.17
CA LYS B 57 26.27 3.72 28.73
C LYS B 57 24.80 3.75 28.34
N ALA B 58 24.03 2.78 28.85
CA ALA B 58 22.59 2.75 28.53
C ALA B 58 21.92 4.04 28.97
N ILE B 59 22.24 4.53 30.17
CA ILE B 59 21.56 5.71 30.69
C ILE B 59 21.79 6.90 29.78
N SER B 60 23.02 7.08 29.29
CA SER B 60 23.29 8.22 28.41
C SER B 60 22.55 8.08 27.09
N LEU B 61 22.54 6.87 26.52
CA LEU B 61 21.79 6.65 25.29
C LEU B 61 20.30 6.94 25.50
N LEU B 62 19.76 6.56 26.65
CA LEU B 62 18.35 6.81 26.93
C LEU B 62 18.10 8.28 27.22
N SER B 63 19.06 8.97 27.84
CA SER B 63 18.91 10.40 28.05
C SER B 63 19.06 11.18 26.75
N LYS B 64 19.91 10.70 25.84
CA LYS B 64 19.91 11.24 24.48
C LYS B 64 18.54 11.06 23.84
N LEU B 65 17.97 9.85 23.98
CA LEU B 65 16.64 9.60 23.44
C LEU B 65 15.61 10.55 24.03
N ARG B 66 15.66 10.77 25.34
CA ARG B 66 14.70 11.66 25.99
C ARG B 66 14.80 13.07 25.42
N ASN B 67 16.02 13.55 25.17
CA ASN B 67 16.18 14.90 24.64
C ASN B 67 15.64 15.00 23.22
N GLU B 68 15.85 13.97 22.39
CA GLU B 68 15.25 13.93 21.07
C GLU B 68 13.75 14.20 21.15
N LEU B 69 13.06 13.47 22.03
CA LEU B 69 11.62 13.65 22.16
C LEU B 69 11.28 15.05 22.65
N GLN B 70 12.00 15.55 23.65
CA GLN B 70 11.65 16.85 24.24
C GLN B 70 11.78 17.96 23.21
N THR B 71 12.76 17.86 22.32
CA THR B 71 13.07 18.91 21.36
C THR B 71 12.57 18.58 19.97
N ASP B 72 11.74 17.53 19.82
CA ASP B 72 11.09 17.20 18.55
C ASP B 72 12.10 16.98 17.43
N LYS B 73 13.27 16.44 17.75
CA LYS B 73 14.23 16.12 16.71
C LYS B 73 13.66 15.04 15.79
N PRO B 74 14.05 15.02 14.52
CA PRO B 74 13.55 13.97 13.62
C PRO B 74 14.02 12.60 14.07
N PHE B 75 13.23 11.58 13.72
CA PHE B 75 13.63 10.21 14.01
C PHE B 75 14.92 9.88 13.27
N ILE B 76 15.69 8.95 13.83
CA ILE B 76 16.92 8.49 13.20
C ILE B 76 16.83 6.98 13.00
N PRO B 77 17.54 6.42 12.03
CA PRO B 77 17.48 4.97 11.82
C PRO B 77 17.97 4.19 13.04
N LEU B 78 17.46 2.96 13.17
CA LEU B 78 18.02 2.00 14.11
C LEU B 78 19.31 1.42 13.55
N VAL B 79 20.28 1.17 14.42
CA VAL B 79 21.62 0.77 14.00
C VAL B 79 22.01 -0.61 14.51
N GLU B 80 21.66 -0.94 15.76
CA GLU B 80 22.12 -2.19 16.36
C GLU B 80 21.45 -3.37 15.70
N LYS B 81 22.24 -4.39 15.34
CA LYS B 81 21.76 -5.61 14.67
C LYS B 81 20.77 -6.32 15.61
N PHE B 82 19.63 -6.71 15.12
CA PHE B 82 18.53 -7.32 15.86
C PHE B 82 17.55 -7.83 14.82
N VAL B 83 16.74 -8.81 15.20
CA VAL B 83 15.97 -9.55 14.20
C VAL B 83 15.05 -8.63 13.39
N ASP B 84 14.59 -7.52 13.97
CA ASP B 84 13.64 -6.66 13.28
C ASP B 84 14.21 -5.28 12.93
N THR B 85 15.53 -5.09 13.01
CA THR B 85 16.10 -3.77 12.76
C THR B 85 15.82 -3.30 11.34
N ASP B 86 16.05 -4.18 10.36
CA ASP B 86 15.89 -3.76 8.96
C ASP B 86 14.42 -3.52 8.64
N ILE B 87 13.52 -4.37 9.14
CA ILE B 87 12.09 -4.16 8.92
C ILE B 87 11.67 -2.81 9.50
N TRP B 88 12.25 -2.43 10.65
CA TRP B 88 11.91 -1.14 11.26
C TRP B 88 12.32 0.01 10.35
N ASN B 89 13.53 -0.06 9.79
CA ASN B 89 14.03 1.03 8.97
C ASN B 89 13.27 1.13 7.65
N GLN B 90 12.89 -0.02 7.07
CA GLN B 90 12.01 0.00 5.93
C GLN B 90 10.73 0.77 6.24
N TYR B 91 10.16 0.52 7.42
CA TYR B 91 8.91 1.19 7.78
C TYR B 91 9.12 2.68 8.00
N LEU B 92 10.22 3.06 8.66
CA LEU B 92 10.53 4.47 8.83
C LEU B 92 10.67 5.15 7.47
N GLU B 93 11.41 4.53 6.55
CA GLU B 93 11.51 5.07 5.20
C GLU B 93 10.14 5.16 4.55
N TYR B 94 9.33 4.11 4.67
CA TYR B 94 7.97 4.17 4.14
C TYR B 94 7.18 5.29 4.78
N GLN B 95 7.32 5.46 6.10
CA GLN B 95 6.58 6.51 6.79
C GLN B 95 6.95 7.90 6.29
N GLN B 96 8.25 8.15 6.10
CA GLN B 96 8.68 9.44 5.59
C GLN B 96 8.08 9.71 4.22
N SER B 97 8.02 8.68 3.36
CA SER B 97 7.48 8.87 2.02
C SER B 97 6.02 9.32 2.04
N LEU B 98 5.29 9.05 3.12
CA LEU B 98 3.94 9.56 3.24
C LEU B 98 3.90 11.04 3.57
N LEU B 99 5.03 11.63 3.97
CA LEU B 99 5.10 13.03 4.33
C LEU B 99 5.32 13.86 3.06
N ASN B 100 4.43 14.81 2.80
CA ASN B 100 4.64 15.74 1.70
C ASN B 100 5.68 16.79 2.11
N GLU B 101 5.99 17.70 1.18
CA GLU B 101 7.11 18.62 1.39
C GLU B 101 6.89 19.49 2.62
N SER B 102 5.67 20.03 2.78
CA SER B 102 5.39 20.90 3.91
C SER B 102 5.41 20.15 5.24
N ASP B 103 5.26 18.82 5.21
CA ASP B 103 5.28 18.05 6.45
C ASP B 103 6.69 17.94 7.01
N GLY B 104 7.71 18.02 6.16
CA GLY B 104 9.07 17.88 6.65
C GLY B 104 9.44 16.44 6.92
N LYS B 105 10.16 16.22 8.02
CA LYS B 105 10.68 14.91 8.37
C LYS B 105 9.91 14.31 9.54
N SER B 106 9.79 12.98 9.52
CA SER B 106 9.16 12.25 10.61
C SER B 106 9.76 12.68 11.95
N ARG B 107 8.90 12.95 12.92
CA ARG B 107 9.37 13.44 14.20
C ARG B 107 8.28 13.28 15.25
N TRP B 108 8.64 13.61 16.49
CA TRP B 108 7.88 13.17 17.65
C TRP B 108 6.50 13.81 17.70
N PHE B 109 6.39 15.10 17.39
CA PHE B 109 5.14 15.81 17.52
C PHE B 109 4.39 15.93 16.20
N TYR B 110 4.87 15.27 15.16
CA TYR B 110 4.19 15.34 13.87
C TYR B 110 3.76 13.97 13.34
N SER B 111 4.56 12.93 13.55
CA SER B 111 4.26 11.63 12.99
C SER B 111 3.14 10.94 13.78
N PRO B 112 2.60 9.85 13.23
CA PRO B 112 1.51 9.15 13.93
C PRO B 112 1.90 8.71 15.34
N TRP B 113 1.02 9.02 16.28
CA TRP B 113 1.19 8.63 17.68
C TRP B 113 1.54 7.16 17.82
N LEU B 114 0.92 6.31 17.01
CA LEU B 114 1.24 4.88 17.06
C LEU B 114 2.71 4.64 16.73
N LEU B 115 3.24 5.36 15.75
CA LEU B 115 4.65 5.20 15.40
C LEU B 115 5.54 5.84 16.45
N VAL B 116 5.11 6.99 16.99
CA VAL B 116 5.91 7.69 17.99
C VAL B 116 6.19 6.78 19.18
N GLU B 117 5.13 6.18 19.75
CA GLU B 117 5.30 5.41 20.97
C GLU B 117 6.05 4.10 20.69
N CYS B 118 5.72 3.42 19.60
CA CYS B 118 6.40 2.15 19.29
C CYS B 118 7.89 2.38 19.01
N TYR B 119 8.20 3.44 18.25
CA TYR B 119 9.60 3.79 17.99
C TYR B 119 10.35 4.05 19.29
N MET B 120 9.67 4.63 20.29
CA MET B 120 10.34 5.00 21.54
C MET B 120 10.71 3.76 22.35
N TYR B 121 9.79 2.79 22.47
CA TYR B 121 10.11 1.57 23.19
C TYR B 121 11.17 0.77 22.45
N ARG B 122 11.12 0.76 21.12
CA ARG B 122 12.15 0.07 20.35
C ARG B 122 13.49 0.78 20.50
N ARG B 123 13.49 2.11 20.60
CA ARG B 123 14.74 2.82 20.88
C ARG B 123 15.24 2.51 22.29
N ILE B 124 14.34 2.32 23.26
CA ILE B 124 14.76 1.90 24.59
C ILE B 124 15.48 0.56 24.49
N HIS B 125 14.89 -0.38 23.75
CA HIS B 125 15.46 -1.72 23.66
C HIS B 125 16.81 -1.70 22.95
N GLU B 126 16.94 -0.86 21.92
CA GLU B 126 18.23 -0.72 21.25
C GLU B 126 19.30 -0.28 22.24
N ALA B 127 18.97 0.68 23.11
CA ALA B 127 19.94 1.13 24.11
C ALA B 127 20.39 -0.04 24.98
N ILE B 128 19.47 -0.92 25.35
CA ILE B 128 19.81 -2.03 26.24
C ILE B 128 20.70 -3.03 25.52
N ILE B 129 20.27 -3.50 24.35
CA ILE B 129 21.06 -4.51 23.66
C ILE B 129 22.39 -3.93 23.18
N GLN B 130 22.50 -2.61 23.10
CA GLN B 130 23.77 -1.97 22.78
C GLN B 130 24.74 -1.99 23.96
N SER B 131 24.27 -2.40 25.14
CA SER B 131 25.02 -2.23 26.39
C SER B 131 25.27 -3.58 27.05
N PRO B 132 25.93 -4.51 26.37
CA PRO B 132 26.44 -5.71 27.05
C PRO B 132 27.40 -5.29 28.15
N PRO B 133 27.39 -5.98 29.30
CA PRO B 133 26.68 -7.26 29.49
C PRO B 133 25.31 -7.20 30.14
N ILE B 134 24.65 -6.04 30.13
CA ILE B 134 23.29 -5.97 30.66
C ILE B 134 22.29 -5.95 29.51
N ASP B 135 22.66 -6.58 28.39
CA ASP B 135 21.79 -6.59 27.21
C ASP B 135 20.62 -7.55 27.35
N TYR B 136 20.53 -8.29 28.45
CA TYR B 136 19.37 -9.10 28.76
C TYR B 136 18.30 -8.32 29.53
N PHE B 137 18.67 -7.17 30.09
CA PHE B 137 17.85 -6.52 31.11
C PHE B 137 16.47 -6.15 30.55
N ASP B 138 15.44 -6.37 31.37
CA ASP B 138 14.09 -5.90 31.12
C ASP B 138 13.86 -4.74 32.08
N VAL B 139 13.89 -3.51 31.56
CA VAL B 139 13.82 -2.34 32.42
C VAL B 139 12.45 -2.19 33.10
N PHE B 140 11.47 -2.97 32.68
CA PHE B 140 10.13 -2.93 33.27
C PHE B 140 9.84 -4.14 34.16
N LYS B 141 10.76 -5.10 34.27
CA LYS B 141 10.60 -6.36 35.06
C LYS B 141 10.30 -6.06 36.52
N GLU B 142 11.00 -5.12 37.12
CA GLU B 142 10.72 -4.72 38.50
C GLU B 142 9.25 -4.35 38.67
N SER B 143 8.76 -3.46 37.80
CA SER B 143 7.38 -3.01 37.90
C SER B 143 6.41 -4.16 37.69
N LYS B 144 6.65 -5.01 36.69
CA LYS B 144 5.73 -6.10 36.40
C LYS B 144 5.66 -7.08 37.57
N GLU B 145 6.81 -7.42 38.14
CA GLU B 145 6.80 -8.35 39.28
C GLU B 145 6.09 -7.74 40.49
N GLN B 146 6.29 -6.45 40.71
CA GLN B 146 5.69 -5.66 41.79
C GLN B 146 4.17 -5.76 41.62
N ASN B 147 3.65 -5.60 40.41
CA ASN B 147 2.22 -5.71 40.13
C ASN B 147 1.69 -7.04 40.61
N PHE B 148 2.45 -8.12 40.37
CA PHE B 148 2.00 -9.45 40.80
C PHE B 148 1.96 -9.55 42.32
N TYR B 149 3.03 -9.09 42.99
CA TYR B 149 3.10 -9.20 44.43
C TYR B 149 2.03 -8.36 45.11
N GLY B 150 1.60 -7.28 44.46
CA GLY B 150 0.59 -6.41 45.04
C GLY B 150 -0.83 -6.89 44.92
N SER B 151 -1.09 -7.91 44.10
CA SER B 151 -2.46 -8.37 43.85
C SER B 151 -2.71 -9.77 44.39
N GLN B 152 -1.92 -10.22 45.36
CA GLN B 152 -2.04 -11.59 45.84
C GLN B 152 -3.47 -11.92 46.25
N GLU B 153 -4.14 -10.99 46.92
CA GLU B 153 -5.50 -11.25 47.41
C GLU B 153 -6.46 -11.46 46.25
N SER B 154 -6.42 -10.57 45.26
CA SER B 154 -7.30 -10.72 44.10
C SER B 154 -6.97 -11.99 43.32
N ILE B 155 -5.67 -12.30 43.18
CA ILE B 155 -5.29 -13.54 42.51
C ILE B 155 -5.82 -14.74 43.29
N ILE B 156 -5.64 -14.73 44.61
CA ILE B 156 -6.14 -15.82 45.44
C ILE B 156 -7.65 -15.93 45.29
N ALA B 157 -8.35 -14.80 45.43
CA ALA B 157 -9.81 -14.81 45.28
C ALA B 157 -10.23 -15.42 43.95
N LEU B 158 -9.62 -14.97 42.85
CA LEU B 158 -10.06 -15.43 41.54
C LEU B 158 -9.68 -16.89 41.32
N CYS B 159 -8.48 -17.30 41.76
CA CYS B 159 -8.11 -18.70 41.65
C CYS B 159 -9.04 -19.58 42.48
N THR B 160 -9.43 -19.11 43.66
CA THR B 160 -10.37 -19.86 44.48
C THR B 160 -11.74 -19.94 43.79
N HIS B 161 -12.22 -18.81 43.26
CA HIS B 161 -13.47 -18.79 42.52
C HIS B 161 -13.46 -19.82 41.40
N LEU B 162 -12.39 -19.85 40.60
CA LEU B 162 -12.35 -20.77 39.48
C LEU B 162 -12.45 -22.22 39.95
N GLN B 163 -11.62 -22.60 40.94
CA GLN B 163 -11.57 -23.99 41.36
C GLN B 163 -12.87 -24.44 41.99
N GLN B 164 -13.54 -23.55 42.74
CA GLN B 164 -14.87 -23.88 43.24
C GLN B 164 -15.82 -24.14 42.09
N LEU B 165 -15.80 -23.26 41.08
CA LEU B 165 -16.70 -23.41 39.94
C LEU B 165 -16.40 -24.69 39.17
N ILE B 166 -15.13 -25.01 38.99
CA ILE B 166 -14.77 -26.19 38.22
C ILE B 166 -15.35 -27.46 38.85
N ARG B 167 -15.48 -27.47 40.17
CA ARG B 167 -16.02 -28.65 40.84
C ARG B 167 -17.38 -29.04 40.27
N THR B 168 -18.27 -28.06 40.11
CA THR B 168 -19.67 -28.28 39.78
C THR B 168 -20.00 -27.86 38.35
N ILE B 169 -18.98 -27.65 37.51
CA ILE B 169 -19.19 -27.03 36.21
C ILE B 169 -20.09 -27.86 35.30
N GLU B 170 -20.18 -29.17 35.53
CA GLU B 170 -20.97 -30.02 34.65
C GLU B 170 -22.46 -29.97 34.97
N ASP B 171 -22.83 -29.60 36.20
CA ASP B 171 -24.23 -29.58 36.60
C ASP B 171 -24.90 -28.24 36.36
N LEU B 172 -24.29 -27.34 35.60
CA LEU B 172 -24.90 -26.07 35.27
C LEU B 172 -25.66 -26.18 33.96
N ASP B 173 -26.83 -25.54 33.91
CA ASP B 173 -27.55 -25.41 32.65
C ASP B 173 -26.87 -24.33 31.80
N GLU B 174 -27.27 -24.24 30.54
CA GLU B 174 -26.50 -23.43 29.60
C GLU B 174 -26.67 -21.94 29.87
N ASN B 175 -27.78 -21.53 30.47
CA ASN B 175 -27.90 -20.13 30.89
C ASN B 175 -26.91 -19.82 32.01
N GLN B 176 -26.69 -20.77 32.92
CA GLN B 176 -25.81 -20.52 34.05
C GLN B 176 -24.34 -20.66 33.67
N LEU B 177 -24.02 -21.62 32.81
CA LEU B 177 -22.69 -21.65 32.22
C LEU B 177 -22.40 -20.34 31.48
N LYS B 178 -23.35 -19.92 30.65
CA LYS B 178 -23.23 -18.64 29.92
C LYS B 178 -22.98 -17.51 30.91
N ASP B 179 -23.70 -17.47 32.04
CA ASP B 179 -23.53 -16.42 33.07
C ASP B 179 -22.11 -16.49 33.64
N GLU B 180 -21.55 -17.68 33.83
CA GLU B 180 -20.18 -17.80 34.31
C GLU B 180 -19.20 -17.27 33.28
N PHE B 181 -19.43 -17.58 32.00
CA PHE B 181 -18.61 -17.07 30.90
C PHE B 181 -18.62 -15.55 30.87
N PHE B 182 -19.81 -14.94 30.89
CA PHE B 182 -19.90 -13.49 30.88
C PHE B 182 -19.19 -12.87 32.08
N LYS B 183 -19.32 -13.50 33.25
CA LYS B 183 -18.68 -12.98 34.45
C LYS B 183 -17.17 -12.99 34.31
N LEU B 184 -16.61 -14.07 33.76
CA LEU B 184 -15.15 -14.14 33.61
C LEU B 184 -14.67 -13.20 32.51
N LEU B 185 -15.48 -12.99 31.47
CA LEU B 185 -15.13 -12.00 30.45
C LEU B 185 -15.05 -10.61 31.04
N GLN B 186 -15.99 -10.25 31.92
CA GLN B 186 -16.00 -8.92 32.50
C GLN B 186 -14.80 -8.73 33.43
N ILE B 187 -14.44 -9.75 34.20
CA ILE B 187 -13.23 -9.63 35.02
C ILE B 187 -12.00 -9.56 34.13
N SER B 188 -12.03 -10.23 32.98
CA SER B 188 -10.96 -10.06 32.00
C SER B 188 -10.92 -8.64 31.45
N LEU B 189 -12.08 -8.00 31.30
CA LEU B 189 -12.12 -6.63 30.81
C LEU B 189 -11.62 -5.65 31.86
N TRP B 190 -12.25 -5.64 33.03
CA TRP B 190 -11.88 -4.71 34.10
C TRP B 190 -10.61 -5.17 34.79
N SER B 213 -19.98 -6.44 42.10
CA SER B 213 -18.91 -5.49 41.73
C SER B 213 -19.00 -5.24 40.23
N LEU B 214 -19.30 -6.31 39.48
CA LEU B 214 -19.46 -6.26 38.01
C LEU B 214 -20.78 -5.56 37.74
N GLU B 215 -21.76 -5.72 38.61
CA GLU B 215 -23.02 -4.97 38.45
C GLU B 215 -22.74 -3.47 38.64
N ASP B 216 -21.82 -3.06 39.50
CA ASP B 216 -21.59 -1.61 39.66
C ASP B 216 -20.78 -1.06 38.49
N LEU B 217 -20.01 -1.89 37.82
CA LEU B 217 -19.17 -1.57 36.64
C LEU B 217 -19.95 -1.85 35.34
N LYS B 218 -21.04 -2.59 35.41
CA LYS B 218 -21.88 -2.93 34.26
C LYS B 218 -22.29 -1.66 33.54
N PRO B 219 -22.68 -0.33 34.20
CA PRO B 219 -23.09 0.89 33.49
C PRO B 219 -22.01 1.51 32.61
N PHE B 220 -20.75 1.11 32.77
CA PHE B 220 -19.65 1.66 32.00
C PHE B 220 -19.17 0.71 30.91
N ILE B 221 -19.99 -0.28 30.55
CA ILE B 221 -19.76 -1.08 29.35
C ILE B 221 -20.52 -0.40 28.21
N LEU B 222 -19.84 0.28 27.31
CA LEU B 222 -20.61 1.02 26.29
C LEU B 222 -20.88 0.21 25.04
N LEU B 223 -20.19 -0.87 24.74
CA LEU B 223 -20.55 -1.78 23.66
C LEU B 223 -20.38 -3.19 24.20
N ASN B 224 -21.39 -4.03 24.01
CA ASN B 224 -21.40 -5.36 24.63
C ASN B 224 -21.86 -6.40 23.62
N ASP B 225 -20.91 -7.11 23.02
CA ASP B 225 -21.19 -8.17 22.06
C ASP B 225 -20.98 -9.56 22.65
N MET B 226 -21.03 -9.69 23.97
CA MET B 226 -20.72 -10.98 24.58
C MET B 226 -21.66 -12.07 24.09
N GLU B 227 -22.92 -11.73 23.82
CA GLU B 227 -23.86 -12.74 23.33
C GLU B 227 -23.33 -13.40 22.06
N HIS B 228 -22.68 -12.64 21.19
CA HIS B 228 -22.13 -13.22 19.97
C HIS B 228 -21.02 -14.21 20.27
N LEU B 229 -20.17 -13.90 21.27
CA LEU B 229 -19.14 -14.84 21.68
C LEU B 229 -19.77 -16.12 22.21
N TRP B 230 -20.78 -15.99 23.07
CA TRP B 230 -21.50 -17.17 23.55
C TRP B 230 -22.04 -17.98 22.37
N SER B 231 -22.80 -17.32 21.48
CA SER B 231 -23.42 -18.04 20.37
C SER B 231 -22.37 -18.74 19.53
N LEU B 232 -21.23 -18.09 19.28
CA LEU B 232 -20.21 -18.69 18.44
C LEU B 232 -19.61 -19.93 19.11
N LEU B 233 -19.12 -19.77 20.34
CA LEU B 233 -18.46 -20.88 21.02
C LEU B 233 -19.46 -21.99 21.36
N SER B 234 -20.68 -21.61 21.77
CA SER B 234 -21.67 -22.61 22.15
C SER B 234 -22.04 -23.50 20.97
N ASN B 235 -22.14 -22.92 19.77
CA ASN B 235 -22.44 -23.72 18.59
C ASN B 235 -21.30 -24.67 18.27
N CYS B 236 -20.06 -24.17 18.26
CA CYS B 236 -18.91 -25.02 18.03
C CYS B 236 -18.91 -26.22 18.99
N LYS B 237 -19.22 -25.95 20.26
CA LYS B 237 -19.30 -27.03 21.24
C LYS B 237 -20.37 -28.05 20.85
N LYS B 238 -21.58 -27.56 20.56
CA LYS B 238 -22.67 -28.46 20.20
C LYS B 238 -22.33 -29.27 18.95
N THR B 239 -21.83 -28.60 17.91
CA THR B 239 -21.57 -29.24 16.64
C THR B 239 -20.15 -29.81 16.55
N ARG B 240 -19.48 -30.02 17.68
CA ARG B 240 -18.10 -30.47 17.63
C ARG B 240 -18.06 -31.94 17.22
N GLU B 241 -17.44 -32.21 16.08
CA GLU B 241 -17.16 -33.58 15.64
C GLU B 241 -16.26 -34.25 16.68
N LYS B 242 -15.92 -35.51 16.43
CA LYS B 242 -14.96 -36.22 17.27
C LYS B 242 -13.56 -35.84 16.83
N ALA B 243 -12.70 -35.49 17.79
CA ALA B 243 -11.30 -35.18 17.53
C ALA B 243 -11.14 -33.96 16.61
N SER B 244 -12.12 -33.06 16.63
CA SER B 244 -11.99 -31.77 15.96
C SER B 244 -11.80 -30.68 17.02
N ALA B 245 -11.12 -29.60 16.62
CA ALA B 245 -10.67 -28.60 17.57
C ALA B 245 -11.48 -27.32 17.47
N THR B 246 -11.67 -26.68 18.62
CA THR B 246 -12.16 -25.30 18.71
C THR B 246 -11.02 -24.48 19.30
N ARG B 247 -10.48 -23.56 18.51
CA ARG B 247 -9.27 -22.83 18.85
C ARG B 247 -9.63 -21.39 19.23
N VAL B 248 -9.37 -21.03 20.49
CA VAL B 248 -9.47 -19.64 20.92
C VAL B 248 -8.06 -19.09 21.06
N TYR B 249 -7.79 -18.00 20.35
CA TYR B 249 -6.53 -17.28 20.45
C TYR B 249 -6.76 -16.07 21.35
N ILE B 250 -5.78 -15.77 22.19
CA ILE B 250 -5.82 -14.58 23.02
C ILE B 250 -4.55 -13.78 22.76
N VAL B 251 -4.70 -12.57 22.21
CA VAL B 251 -3.60 -11.64 22.02
C VAL B 251 -3.53 -10.79 23.29
N LEU B 252 -2.48 -10.98 24.07
CA LEU B 252 -2.45 -10.49 25.44
C LEU B 252 -2.12 -9.01 25.49
N ASP B 253 -2.39 -8.41 26.65
CA ASP B 253 -1.96 -7.05 26.92
C ASP B 253 -1.00 -7.12 28.10
N ASN B 254 -1.43 -6.76 29.31
CA ASN B 254 -0.50 -6.52 30.39
C ASN B 254 -0.20 -7.78 31.19
N SER B 255 0.78 -7.62 32.09
CA SER B 255 1.25 -8.65 33.01
C SER B 255 0.36 -8.74 34.24
N GLY B 256 0.94 -9.24 35.34
CA GLY B 256 0.30 -9.12 36.64
C GLY B 256 -1.10 -9.69 36.67
N PHE B 257 -2.04 -9.01 37.35
CA PHE B 257 -3.44 -9.45 37.53
C PHE B 257 -4.16 -9.50 36.18
N GLU B 258 -3.89 -8.62 35.24
CA GLU B 258 -4.59 -8.69 33.94
C GLU B 258 -4.24 -10.01 33.27
N LEU B 259 -3.05 -10.46 33.30
CA LEU B 259 -2.71 -11.75 32.70
C LEU B 259 -3.41 -12.88 33.45
N VAL B 260 -3.45 -12.81 34.77
CA VAL B 260 -4.15 -13.84 35.54
C VAL B 260 -5.60 -13.97 35.07
N THR B 261 -6.27 -12.84 34.86
CA THR B 261 -7.67 -12.92 34.42
C THR B 261 -7.78 -13.61 33.07
N ASP B 262 -6.76 -13.46 32.21
CA ASP B 262 -6.80 -14.13 30.91
C ASP B 262 -6.50 -15.62 31.06
N LEU B 263 -5.55 -15.97 31.91
CA LEU B 263 -5.29 -17.39 32.17
C LEU B 263 -6.51 -18.05 32.81
N ILE B 264 -7.13 -17.37 33.78
CA ILE B 264 -8.32 -17.91 34.41
C ILE B 264 -9.42 -18.13 33.37
N LEU B 265 -9.61 -17.16 32.48
CA LEU B 265 -10.62 -17.31 31.43
C LEU B 265 -10.27 -18.45 30.48
N ALA B 266 -8.99 -18.54 30.09
CA ALA B 266 -8.57 -19.66 29.25
C ALA B 266 -8.84 -20.99 29.94
N ASP B 267 -8.57 -21.08 31.24
CA ASP B 267 -8.85 -22.31 31.98
C ASP B 267 -10.33 -22.65 31.91
N PHE B 268 -11.19 -21.65 32.14
CA PHE B 268 -12.63 -21.88 32.05
C PHE B 268 -13.03 -22.32 30.63
N LEU B 269 -12.42 -21.70 29.62
CA LEU B 269 -12.74 -22.09 28.24
C LEU B 269 -12.50 -23.58 28.02
N LEU B 270 -11.40 -24.12 28.55
CA LEU B 270 -11.13 -25.54 28.39
C LEU B 270 -12.05 -26.37 29.27
N SER B 271 -12.16 -26.01 30.56
CA SER B 271 -12.98 -26.80 31.47
C SER B 271 -14.45 -26.78 31.09
N SER B 272 -14.90 -25.71 30.46
CA SER B 272 -16.26 -25.60 29.95
C SER B 272 -16.44 -26.32 28.62
N GLU B 273 -15.35 -26.78 28.00
CA GLU B 273 -15.38 -27.36 26.66
C GLU B 273 -15.88 -26.37 25.62
N LEU B 274 -15.91 -25.07 25.95
CA LEU B 274 -16.18 -24.05 24.96
C LEU B 274 -15.01 -23.87 23.99
N ALA B 275 -13.82 -24.29 24.40
CA ALA B 275 -12.65 -24.39 23.53
C ALA B 275 -11.96 -25.71 23.83
N THR B 276 -11.15 -26.17 22.86
CA THR B 276 -10.29 -27.32 23.08
C THR B 276 -8.82 -26.96 23.11
N GLU B 277 -8.45 -25.81 22.54
CA GLU B 277 -7.09 -25.30 22.57
C GLU B 277 -7.16 -23.80 22.81
N VAL B 278 -6.23 -23.26 23.59
CA VAL B 278 -6.05 -21.81 23.70
C VAL B 278 -4.62 -21.47 23.32
N HIS B 279 -4.46 -20.45 22.48
CA HIS B 279 -3.17 -19.98 22.02
C HIS B 279 -2.99 -18.55 22.49
N PHE B 280 -1.85 -18.27 23.11
CA PHE B 280 -1.52 -16.94 23.62
C PHE B 280 -0.45 -16.28 22.77
N TYR B 281 -0.55 -14.97 22.61
CA TYR B 281 0.46 -14.18 21.92
C TYR B 281 0.87 -13.02 22.81
N GLY B 282 2.16 -12.98 23.16
CA GLY B 282 2.74 -11.88 23.89
C GLY B 282 3.67 -11.05 23.03
N LYS B 283 4.55 -10.31 23.70
CA LYS B 283 5.47 -9.41 23.02
C LYS B 283 6.89 -9.96 23.11
N THR B 284 7.63 -9.83 21.99
CA THR B 284 8.98 -10.35 21.91
C THR B 284 9.93 -9.58 22.83
N ILE B 285 9.66 -8.31 23.07
CA ILE B 285 10.58 -7.46 23.85
C ILE B 285 9.77 -6.72 24.90
N PRO B 286 10.44 -6.16 25.91
CA PRO B 286 9.75 -5.24 26.83
C PRO B 286 9.07 -4.12 26.05
N TRP B 287 7.82 -3.84 26.42
CA TRP B 287 6.89 -3.12 25.54
C TRP B 287 5.85 -2.40 26.37
N PHE B 288 5.71 -1.10 26.13
CA PHE B 288 4.65 -0.28 26.76
C PHE B 288 4.59 -0.54 28.25
N VAL B 289 5.78 -0.62 28.85
CA VAL B 289 5.98 -0.82 30.28
C VAL B 289 5.49 -2.21 30.66
N SER B 290 4.17 -2.38 30.79
CA SER B 290 3.61 -3.51 31.50
C SER B 290 3.26 -4.70 30.62
N ALA B 291 3.48 -4.62 29.31
CA ALA B 291 3.01 -5.69 28.42
C ALA B 291 3.75 -7.00 28.66
N THR B 292 3.00 -8.10 28.61
CA THR B 292 3.55 -9.41 28.88
C THR B 292 4.53 -9.84 27.79
N THR B 293 5.74 -10.22 28.20
CA THR B 293 6.68 -10.94 27.35
C THR B 293 6.62 -12.42 27.73
N ILE B 294 7.30 -13.25 26.92
CA ILE B 294 7.33 -14.69 27.23
C ILE B 294 7.88 -14.90 28.65
N HIS B 295 8.83 -14.06 29.06
CA HIS B 295 9.42 -14.22 30.38
C HIS B 295 8.41 -13.91 31.48
N ASP B 296 7.54 -12.92 31.27
CA ASP B 296 6.51 -12.61 32.27
C ASP B 296 5.47 -13.71 32.33
N PHE B 297 5.04 -14.20 31.16
CA PHE B 297 4.11 -15.33 31.06
C PHE B 297 4.61 -16.52 31.89
N ASN B 298 5.85 -16.95 31.62
CA ASN B 298 6.38 -18.12 32.30
C ASN B 298 6.68 -17.82 33.77
N TRP B 299 7.22 -16.63 34.06
CA TRP B 299 7.52 -16.28 35.44
C TRP B 299 6.27 -16.31 36.29
N LEU B 300 5.17 -15.72 35.80
CA LEU B 300 3.97 -15.64 36.60
C LEU B 300 3.35 -17.02 36.83
N ILE B 301 3.34 -17.86 35.81
CA ILE B 301 2.79 -19.21 35.99
C ILE B 301 3.66 -20.00 36.97
N GLU B 302 4.97 -19.77 36.96
CA GLU B 302 5.85 -20.42 37.92
C GLU B 302 5.49 -20.02 39.34
N GLN B 303 5.29 -18.71 39.58
CA GLN B 303 5.00 -18.26 40.94
C GLN B 303 3.65 -18.79 41.42
N VAL B 304 2.66 -18.86 40.52
CA VAL B 304 1.35 -19.38 40.92
C VAL B 304 1.45 -20.87 41.21
N LYS B 305 2.18 -21.61 40.38
CA LYS B 305 2.32 -23.04 40.60
C LYS B 305 3.03 -23.33 41.93
N HIS B 306 4.15 -22.67 42.18
CA HIS B 306 4.93 -22.90 43.37
C HIS B 306 4.47 -22.05 44.56
N SER B 307 3.33 -21.38 44.43
CA SER B 307 2.72 -20.73 45.57
C SER B 307 2.44 -21.75 46.66
N ASN B 308 2.45 -21.29 47.92
CA ASN B 308 2.09 -22.11 49.04
C ASN B 308 0.62 -21.96 49.42
N HIS B 309 -0.19 -21.42 48.52
CA HIS B 309 -1.64 -21.33 48.69
C HIS B 309 -2.30 -22.46 47.91
N LYS B 310 -3.26 -23.14 48.53
CA LYS B 310 -3.79 -24.36 47.94
C LYS B 310 -4.39 -24.12 46.56
N TRP B 311 -5.26 -23.12 46.44
CA TRP B 311 -6.00 -22.94 45.19
C TRP B 311 -5.16 -22.28 44.10
N MET B 312 -4.23 -21.39 44.47
CA MET B 312 -3.32 -20.83 43.47
C MET B 312 -2.40 -21.91 42.91
N SER B 313 -1.81 -22.72 43.79
CA SER B 313 -0.91 -23.77 43.33
C SER B 313 -1.63 -24.76 42.42
N LYS B 314 -2.88 -25.09 42.77
CA LYS B 314 -3.66 -25.98 41.92
C LYS B 314 -3.80 -25.41 40.52
N CYS B 315 -4.25 -24.16 40.41
CA CYS B 315 -4.35 -23.51 39.10
C CYS B 315 -3.02 -23.53 38.38
N GLY B 316 -1.96 -23.12 39.08
CA GLY B 316 -0.65 -23.08 38.46
C GLY B 316 -0.21 -24.43 37.92
N ALA B 317 -0.48 -25.50 38.67
CA ALA B 317 -0.13 -26.83 38.19
C ALA B 317 -1.01 -27.23 37.01
N ASP B 318 -2.30 -26.89 37.06
CA ASP B 318 -3.16 -27.17 35.92
C ASP B 318 -2.67 -26.45 34.67
N TRP B 319 -2.16 -25.23 34.83
CA TRP B 319 -1.77 -24.43 33.67
C TRP B 319 -0.49 -24.97 33.03
N GLU B 320 0.53 -25.28 33.84
CA GLU B 320 1.72 -25.91 33.30
C GLU B 320 1.38 -27.24 32.64
N GLU B 321 0.39 -27.96 33.19
CA GLU B 321 -0.09 -29.18 32.54
C GLU B 321 -0.68 -28.87 31.18
N TYR B 322 -1.58 -27.87 31.11
CA TYR B 322 -2.13 -27.46 29.82
C TYR B 322 -1.02 -27.21 28.82
N ILE B 323 -0.01 -26.43 29.17
CA ILE B 323 1.09 -26.00 28.27
C ILE B 323 1.92 -27.18 27.78
N LYS B 324 2.08 -28.17 28.66
CA LYS B 324 2.78 -29.45 28.46
C LYS B 324 2.02 -30.34 27.46
N MET B 325 0.70 -30.25 27.46
CA MET B 325 -0.18 -31.04 26.59
C MET B 325 -0.50 -30.35 25.25
N GLY B 326 -0.06 -29.12 24.96
CA GLY B 326 -0.54 -28.42 23.79
C GLY B 326 -1.99 -28.00 23.88
N LYS B 327 -2.63 -28.18 25.04
CA LYS B 327 -3.95 -27.57 25.25
C LYS B 327 -3.82 -26.05 25.36
N TRP B 328 -2.75 -25.57 25.97
CA TRP B 328 -2.36 -24.17 25.94
C TRP B 328 -1.04 -24.06 25.17
N VAL B 329 -0.92 -23.05 24.31
CA VAL B 329 0.32 -22.83 23.56
C VAL B 329 0.68 -21.36 23.63
N TYR B 330 1.89 -21.07 24.10
CA TYR B 330 2.38 -19.71 24.04
C TYR B 330 3.14 -19.49 22.73
N HIS B 331 2.82 -18.40 22.04
CA HIS B 331 3.52 -18.02 20.82
C HIS B 331 4.21 -16.67 21.01
N ASN B 332 5.41 -16.55 20.43
CA ASN B 332 6.06 -15.26 20.25
C ASN B 332 6.16 -14.97 18.76
N HIS B 333 5.88 -13.73 18.39
CA HIS B 333 6.08 -13.30 17.02
C HIS B 333 6.50 -11.84 17.02
N ILE B 334 7.44 -11.51 16.12
CA ILE B 334 8.00 -10.16 16.09
C ILE B 334 6.96 -9.12 15.71
N PHE B 335 5.91 -9.54 15.01
CA PHE B 335 5.00 -8.55 14.42
C PHE B 335 4.36 -7.68 15.49
N TRP B 336 4.06 -8.25 16.66
CA TRP B 336 3.33 -7.50 17.68
C TRP B 336 4.15 -6.36 18.27
N THR B 337 5.47 -6.36 18.10
CA THR B 337 6.31 -5.27 18.58
C THR B 337 6.89 -4.45 17.43
N LEU B 338 6.34 -4.59 16.23
CA LEU B 338 6.57 -3.68 15.12
C LEU B 338 5.60 -2.51 15.20
N PRO B 339 5.86 -1.41 14.49
CA PRO B 339 4.93 -0.28 14.50
C PRO B 339 3.70 -0.47 13.64
N HIS B 340 3.61 -1.57 12.89
CA HIS B 340 2.62 -1.68 11.82
C HIS B 340 1.21 -1.82 12.37
N GLU B 341 0.25 -1.18 11.69
CA GLU B 341 -1.17 -1.46 11.90
C GLU B 341 -1.47 -2.89 11.44
N TYR B 342 -2.48 -3.52 12.02
CA TYR B 342 -2.85 -4.94 11.78
C TYR B 342 -3.33 -5.22 10.36
N CYS B 343 -3.79 -4.19 9.67
CA CYS B 343 -4.16 -4.26 8.24
C CYS B 343 -2.92 -4.61 7.43
N ALA B 344 -1.68 -4.35 7.90
CA ALA B 344 -0.50 -4.75 7.15
C ALA B 344 -0.05 -6.18 7.41
N MET B 345 -0.70 -6.88 8.33
CA MET B 345 -0.19 -8.19 8.71
C MET B 345 -0.13 -9.19 7.56
N PRO B 346 -1.13 -9.28 6.68
CA PRO B 346 -1.07 -10.32 5.63
C PRO B 346 0.16 -10.21 4.74
N GLN B 347 0.72 -9.02 4.58
CA GLN B 347 1.91 -8.84 3.74
C GLN B 347 3.19 -8.83 4.55
N VAL B 348 3.18 -8.31 5.77
CA VAL B 348 4.39 -8.16 6.58
C VAL B 348 4.70 -9.42 7.38
N ALA B 349 3.67 -10.10 7.88
CA ALA B 349 3.83 -11.35 8.62
C ALA B 349 2.84 -12.36 8.07
N PRO B 350 3.05 -12.83 6.83
CA PRO B 350 2.05 -13.71 6.21
C PRO B 350 1.78 -14.98 6.98
N ASP B 351 2.80 -15.55 7.63
CA ASP B 351 2.60 -16.80 8.35
C ASP B 351 1.86 -16.58 9.68
N LEU B 352 2.05 -15.42 10.32
CA LEU B 352 1.24 -15.10 11.48
C LEU B 352 -0.23 -14.94 11.11
N TYR B 353 -0.50 -14.29 9.99
CA TYR B 353 -1.87 -14.12 9.53
C TYR B 353 -2.51 -15.48 9.21
N ALA B 354 -1.74 -16.36 8.56
CA ALA B 354 -2.26 -17.69 8.26
C ALA B 354 -2.56 -18.47 9.53
N GLU B 355 -1.74 -18.28 10.57
CA GLU B 355 -1.99 -18.94 11.85
C GLU B 355 -3.24 -18.38 12.50
N LEU B 356 -3.45 -17.06 12.41
CA LEU B 356 -4.65 -16.47 12.98
C LEU B 356 -5.91 -16.97 12.28
N GLN B 357 -5.79 -17.31 10.99
CA GLN B 357 -6.95 -17.81 10.26
C GLN B 357 -7.40 -19.18 10.75
N LYS B 358 -6.54 -19.89 11.50
CA LYS B 358 -6.94 -21.15 12.11
C LYS B 358 -7.80 -20.95 13.34
N ALA B 359 -7.86 -19.73 13.88
CA ALA B 359 -8.65 -19.47 15.07
C ALA B 359 -10.14 -19.51 14.75
N HIS B 360 -10.91 -20.09 15.66
CA HIS B 360 -12.36 -19.93 15.61
C HIS B 360 -12.81 -18.67 16.32
N LEU B 361 -11.98 -18.13 17.22
CA LEU B 361 -12.25 -16.85 17.86
C LEU B 361 -10.94 -16.29 18.38
N ILE B 362 -10.65 -15.04 18.01
CA ILE B 362 -9.47 -14.32 18.47
C ILE B 362 -9.95 -13.24 19.43
N LEU B 363 -9.41 -13.25 20.65
CA LEU B 363 -9.69 -12.20 21.63
C LEU B 363 -8.48 -11.29 21.73
N PHE B 364 -8.67 -10.01 21.45
CA PHE B 364 -7.62 -9.00 21.53
C PHE B 364 -7.81 -8.22 22.83
N LYS B 365 -6.80 -8.21 23.68
CA LYS B 365 -6.88 -7.55 24.98
C LYS B 365 -6.27 -6.15 24.91
N GLY B 366 -7.01 -5.16 25.40
CA GLY B 366 -6.41 -3.90 25.79
C GLY B 366 -6.44 -2.82 24.73
N ASP B 367 -5.96 -1.65 25.14
CA ASP B 367 -6.15 -0.45 24.33
C ASP B 367 -5.24 -0.45 23.11
N LEU B 368 -3.95 -0.77 23.30
CA LEU B 368 -3.02 -0.72 22.17
C LEU B 368 -3.44 -1.69 21.07
N ASN B 369 -4.02 -2.84 21.44
CA ASN B 369 -4.52 -3.76 20.43
C ASN B 369 -5.68 -3.16 19.65
N TYR B 370 -6.52 -2.35 20.31
CA TYR B 370 -7.61 -1.68 19.59
C TYR B 370 -7.05 -0.65 18.61
N ARG B 371 -6.12 0.19 19.09
CA ARG B 371 -5.52 1.19 18.22
C ARG B 371 -4.90 0.55 16.98
N LYS B 372 -4.26 -0.60 17.14
CA LYS B 372 -3.65 -1.25 15.99
C LYS B 372 -4.67 -1.94 15.11
N LEU B 373 -5.77 -2.44 15.70
CA LEU B 373 -6.83 -3.01 14.87
C LEU B 373 -7.52 -1.93 14.03
N THR B 374 -7.63 -0.71 14.55
CA THR B 374 -8.36 0.35 13.89
C THR B 374 -7.47 1.39 13.23
N GLY B 375 -6.18 1.13 13.12
CA GLY B 375 -5.25 2.05 12.49
C GLY B 375 -4.87 3.27 13.31
N ASP B 376 -5.44 3.43 14.51
CA ASP B 376 -5.15 4.59 15.34
C ASP B 376 -5.50 5.89 14.61
N ARG B 377 -6.61 5.86 13.87
CA ARG B 377 -7.01 6.96 13.00
C ARG B 377 -8.19 7.70 13.59
N LYS B 378 -8.47 8.87 13.01
CA LYS B 378 -9.53 9.74 13.49
C LYS B 378 -10.89 9.35 12.94
N TRP B 379 -11.30 8.10 13.12
CA TRP B 379 -12.61 7.67 12.67
C TRP B 379 -13.70 8.44 13.42
N GLU B 380 -14.81 8.71 12.73
CA GLU B 380 -15.99 9.21 13.41
C GLU B 380 -16.62 8.09 14.24
N PHE B 381 -17.36 8.48 15.27
CA PHE B 381 -17.97 7.49 16.17
C PHE B 381 -18.85 6.52 15.40
N SER B 382 -19.46 6.96 14.31
CA SER B 382 -20.48 6.18 13.61
C SER B 382 -19.90 5.08 12.75
N VAL B 383 -18.63 5.20 12.36
CA VAL B 383 -18.01 4.24 11.44
C VAL B 383 -18.21 2.82 11.96
N PRO B 384 -18.54 1.86 11.10
CA PRO B 384 -18.66 0.47 11.56
C PRO B 384 -17.29 -0.10 11.91
N PHE B 385 -17.26 -0.89 12.99
CA PHE B 385 -16.04 -1.61 13.36
C PHE B 385 -15.49 -2.40 12.19
N HIS B 386 -16.37 -3.09 11.45
CA HIS B 386 -15.92 -3.90 10.33
C HIS B 386 -15.09 -3.09 9.35
N GLN B 387 -15.51 -1.86 9.07
CA GLN B 387 -14.81 -1.02 8.11
C GLN B 387 -13.55 -0.41 8.73
N ALA B 388 -13.60 -0.06 10.01
CA ALA B 388 -12.40 0.45 10.68
C ALA B 388 -11.29 -0.60 10.67
N LEU B 389 -11.64 -1.88 10.57
CA LEU B 389 -10.62 -2.93 10.57
C LEU B 389 -9.80 -2.94 9.28
N ASN B 390 -10.30 -2.32 8.22
CA ASN B 390 -9.48 -2.03 7.03
C ASN B 390 -8.92 -3.31 6.40
N GLY B 391 -9.79 -4.29 6.23
CA GLY B 391 -9.43 -5.54 5.57
C GLY B 391 -8.92 -6.62 6.48
N PHE B 392 -8.67 -6.32 7.75
CA PHE B 392 -8.15 -7.31 8.71
C PHE B 392 -9.32 -8.15 9.22
N HIS B 393 -9.54 -9.30 8.59
CA HIS B 393 -10.60 -10.22 8.98
C HIS B 393 -10.09 -11.66 8.93
N PRO B 394 -9.09 -11.98 9.76
CA PRO B 394 -8.54 -13.35 9.71
C PRO B 394 -9.52 -14.41 10.19
N ALA B 395 -10.32 -14.09 11.22
CA ALA B 395 -11.28 -15.02 11.79
C ALA B 395 -12.22 -14.21 12.66
N PRO B 396 -13.29 -14.82 13.18
CA PRO B 396 -14.14 -14.11 14.14
C PRO B 396 -13.29 -13.57 15.28
N LEU B 397 -13.44 -12.29 15.58
CA LEU B 397 -12.59 -11.65 16.57
C LEU B 397 -13.39 -10.66 17.40
N CYS B 398 -12.84 -10.34 18.57
CA CYS B 398 -13.48 -9.42 19.50
C CYS B 398 -12.41 -8.73 20.31
N THR B 399 -12.51 -7.40 20.41
CA THR B 399 -11.61 -6.62 21.24
C THR B 399 -12.24 -6.44 22.62
N ILE B 400 -11.47 -6.77 23.66
CA ILE B 400 -11.86 -6.58 25.05
C ILE B 400 -10.97 -5.48 25.60
N ARG B 401 -11.55 -4.31 25.84
CA ARG B 401 -10.72 -3.11 25.93
C ARG B 401 -11.35 -2.04 26.81
N THR B 402 -10.54 -1.50 27.73
CA THR B 402 -10.86 -0.26 28.41
C THR B 402 -10.25 0.89 27.62
N LEU B 403 -11.01 1.97 27.49
CA LEU B 403 -10.68 3.04 26.57
C LEU B 403 -9.62 3.95 27.17
N LYS B 404 -8.45 4.01 26.52
CA LYS B 404 -7.34 4.85 26.94
C LYS B 404 -6.80 5.65 25.76
N ALA B 405 -7.64 5.91 24.76
CA ALA B 405 -7.24 6.60 23.55
C ALA B 405 -8.46 7.23 22.91
N GLU B 406 -8.24 8.36 22.24
CA GLU B 406 -9.34 9.11 21.62
C GLU B 406 -9.75 8.48 20.29
N ILE B 407 -10.18 7.23 20.38
CA ILE B 407 -10.66 6.50 19.21
C ILE B 407 -11.61 5.40 19.69
N GLN B 408 -12.79 5.34 19.05
CA GLN B 408 -13.81 4.39 19.36
C GLN B 408 -14.83 4.38 18.23
N VAL B 409 -14.98 3.26 17.53
CA VAL B 409 -15.93 3.19 16.42
C VAL B 409 -17.10 2.30 16.83
N GLY B 410 -18.01 2.06 15.89
CA GLY B 410 -19.15 1.20 16.14
C GLY B 410 -20.20 1.77 17.06
N LEU B 411 -20.09 3.03 17.45
CA LEU B 411 -21.05 3.60 18.37
C LEU B 411 -22.33 4.00 17.64
N GLN B 412 -23.43 4.07 18.40
CA GLN B 412 -24.69 4.55 17.87
C GLN B 412 -24.59 6.04 17.58
N PRO B 413 -25.47 6.55 16.72
CA PRO B 413 -25.44 8.00 16.42
C PRO B 413 -25.70 8.83 17.66
N GLY B 414 -24.91 9.89 17.81
CA GLY B 414 -24.99 10.78 18.96
C GLY B 414 -24.41 10.24 20.24
N GLN B 415 -23.99 8.97 20.27
CA GLN B 415 -23.59 8.36 21.52
C GLN B 415 -22.28 8.94 22.04
N GLY B 416 -21.24 8.92 21.20
CA GLY B 416 -19.96 9.48 21.63
C GLY B 416 -20.00 10.98 21.82
N GLU B 417 -20.82 11.68 21.05
CA GLU B 417 -20.95 13.12 21.19
C GLU B 417 -21.45 13.47 22.59
N GLN B 418 -22.48 12.76 23.08
CA GLN B 418 -22.99 13.05 24.41
C GLN B 418 -21.94 12.78 25.48
N LEU B 419 -21.12 11.75 25.29
CA LEU B 419 -20.06 11.46 26.24
C LEU B 419 -19.03 12.58 26.26
N LEU B 420 -18.64 13.07 25.09
CA LEU B 420 -17.69 14.16 25.02
C LEU B 420 -18.24 15.42 25.70
N ALA B 421 -19.52 15.71 25.46
CA ALA B 421 -20.10 16.95 26.00
C ALA B 421 -20.22 16.90 27.51
N SER B 422 -20.56 15.74 28.06
CA SER B 422 -20.76 15.59 29.49
C SER B 422 -19.47 15.28 30.25
N GLU B 423 -18.46 14.74 29.57
CA GLU B 423 -17.29 14.18 30.22
C GLU B 423 -16.16 14.13 29.19
N PRO B 424 -15.45 15.25 28.97
CA PRO B 424 -14.44 15.26 27.90
C PRO B 424 -13.42 14.16 28.03
N SER B 425 -13.11 13.73 29.25
CA SER B 425 -12.10 12.75 29.56
C SER B 425 -12.51 11.33 29.27
N TRP B 426 -13.74 11.09 28.85
CA TRP B 426 -14.37 9.80 29.07
C TRP B 426 -13.56 8.66 28.47
N TRP B 427 -13.01 8.85 27.28
CA TRP B 427 -12.40 7.74 26.54
C TRP B 427 -10.89 7.64 26.73
N THR B 428 -10.31 8.38 27.66
CA THR B 428 -8.87 8.29 27.91
C THR B 428 -8.54 7.99 29.36
N THR B 429 -9.54 7.73 30.21
CA THR B 429 -9.30 7.45 31.62
C THR B 429 -9.26 5.97 31.94
N GLY B 430 -9.59 5.10 30.99
CA GLY B 430 -9.74 3.70 31.31
C GLY B 430 -10.98 3.39 32.11
N LYS B 431 -11.93 4.31 32.19
CA LYS B 431 -13.14 4.09 32.97
C LYS B 431 -14.19 3.32 32.20
N TYR B 432 -14.18 3.40 30.88
CA TYR B 432 -15.17 2.73 30.05
C TYR B 432 -14.55 1.55 29.32
N GLY B 433 -15.38 0.56 29.01
CA GLY B 433 -14.92 -0.64 28.35
C GLY B 433 -15.93 -1.16 27.35
N ILE B 434 -15.45 -2.04 26.47
CA ILE B 434 -16.25 -2.56 25.38
C ILE B 434 -15.92 -4.04 25.14
N PHE B 435 -16.90 -4.76 24.60
CA PHE B 435 -16.70 -6.05 23.93
C PHE B 435 -17.21 -5.84 22.50
N GLN B 436 -16.30 -5.60 21.56
CA GLN B 436 -16.66 -5.23 20.19
C GLN B 436 -16.26 -6.35 19.24
N TYR B 437 -17.25 -6.94 18.56
CA TYR B 437 -17.11 -8.18 17.82
C TYR B 437 -17.12 -7.91 16.32
N ASP B 438 -16.27 -8.62 15.59
CA ASP B 438 -16.32 -8.68 14.14
C ASP B 438 -16.40 -10.15 13.73
N GLY B 439 -17.41 -10.48 12.95
CA GLY B 439 -17.63 -11.85 12.52
C GLY B 439 -19.09 -12.13 12.29
N PRO B 440 -19.44 -13.40 12.03
CA PRO B 440 -20.84 -13.76 11.76
C PRO B 440 -21.71 -13.64 13.02
MG MG C . 18.04 -0.14 3.27
MG MG D . 9.95 14.71 2.15
#